data_3ML4
#
_entry.id   3ML4
#
_cell.length_a   134.600
_cell.length_b   134.600
_cell.length_c   121.580
_cell.angle_alpha   90.00
_cell.angle_beta   90.00
_cell.angle_gamma   120.00
#
_symmetry.space_group_name_H-M   'P 32 2 1'
#
loop_
_entity.id
_entity.type
_entity.pdbx_description
1 polymer 'Protein Dok-7'
2 polymer 'Muscle, skeletal receptor tyrosine-protein kinase'
3 water water
#
loop_
_entity_poly.entity_id
_entity_poly.type
_entity_poly.pdbx_seq_one_letter_code
_entity_poly.pdbx_strand_id
1 'polypeptide(L)'
;GSEF(MSE)TEAALVEGQVKLRDGKKWKSRWLVLRKPSPVADCLL(MSE)LVYKDKCERSKGLRERSSLTLEDICGLEPA
LPYEGLAHTLAIICLSQAV(MSE)LGFDSHEA(MSE)CAWDTRIRYALGEVHRFHVTVAPGTKLESGPATLHLCNDILVL
ARDIPPTV(MSE)GQWKLSDLRRYGAVPNGFIFEGGTRCGYWAGVFFLSSAEGEQ(MSE)SFLFDCIVRGISPTKGPFGL
RPVLPDPS
;
A,B,C,D
2 'polypeptide(L)' LDRLHPNPM(PTR)QRM E,F,G,H
#
# COMPACT_ATOMS: atom_id res chain seq x y z
N GLU A 7 9.25 -6.29 17.88
CA GLU A 7 9.34 -7.35 16.84
C GLU A 7 7.98 -7.66 16.23
N ALA A 8 7.80 -7.26 14.96
CA ALA A 8 6.48 -7.27 14.33
C ALA A 8 6.13 -8.54 13.56
N ALA A 9 4.82 -8.74 13.38
CA ALA A 9 4.28 -9.90 12.70
C ALA A 9 3.25 -9.46 11.67
N LEU A 10 3.22 -10.13 10.53
CA LEU A 10 2.10 -9.95 9.62
C LEU A 10 0.89 -10.74 10.17
N VAL A 11 1.16 -11.89 10.79
CA VAL A 11 0.17 -12.62 11.59
C VAL A 11 0.79 -13.43 12.73
N GLU A 12 0.00 -13.56 13.79
CA GLU A 12 0.33 -14.41 14.93
C GLU A 12 -0.95 -14.93 15.57
N GLY A 13 -0.83 -16.01 16.33
CA GLY A 13 -1.99 -16.63 16.97
C GLY A 13 -1.70 -18.08 17.29
N GLN A 14 -2.64 -18.72 17.97
CA GLN A 14 -2.51 -20.13 18.35
C GLN A 14 -2.72 -21.04 17.15
N VAL A 15 -1.68 -21.77 16.79
CA VAL A 15 -1.70 -22.66 15.63
C VAL A 15 -1.01 -23.96 15.99
N LYS A 16 -1.52 -25.06 15.46
CA LYS A 16 -0.86 -26.37 15.59
C LYS A 16 0.11 -26.62 14.45
N LEU A 17 1.28 -27.15 14.78
CA LEU A 17 2.34 -27.39 13.79
C LEU A 17 2.90 -28.80 13.95
N ARG A 18 3.47 -29.33 12.86
CA ARG A 18 4.15 -30.62 12.88
C ARG A 18 5.67 -30.44 12.81
N LYS A 22 3.16 -35.67 15.33
CA LYS A 22 2.15 -35.19 16.26
C LYS A 22 1.90 -33.67 16.11
N TRP A 23 0.71 -33.21 16.47
CA TRP A 23 0.37 -31.79 16.44
C TRP A 23 0.79 -31.11 17.74
N LYS A 24 1.54 -30.02 17.61
CA LYS A 24 1.94 -29.22 18.76
C LYS A 24 1.39 -27.81 18.62
N SER A 25 0.46 -27.46 19.51
CA SER A 25 -0.15 -26.14 19.51
C SER A 25 0.83 -25.13 20.09
N ARG A 26 1.22 -24.16 19.26
CA ARG A 26 2.23 -23.18 19.63
C ARG A 26 1.94 -21.80 19.04
N TRP A 27 2.17 -20.77 19.83
CA TRP A 27 1.97 -19.39 19.36
C TRP A 27 2.96 -19.09 18.23
N LEU A 28 2.42 -18.96 17.03
CA LEU A 28 3.21 -18.79 15.83
C LEU A 28 3.22 -17.33 15.40
N VAL A 29 4.41 -16.81 15.13
CA VAL A 29 4.57 -15.47 14.56
C VAL A 29 5.09 -15.62 13.12
N LEU A 30 4.38 -15.00 12.19
CA LEU A 30 4.82 -14.97 10.80
C LEU A 30 5.08 -13.55 10.32
N ARG A 31 6.24 -13.36 9.68
CA ARG A 31 6.63 -12.08 9.12
C ARG A 31 7.59 -12.26 7.94
N LYS A 32 7.72 -11.21 7.14
CA LYS A 32 8.73 -11.14 6.09
C LYS A 32 10.05 -10.69 6.69
N PRO A 33 11.16 -11.33 6.27
CA PRO A 33 12.50 -10.88 6.68
C PRO A 33 12.96 -9.65 5.89
N SER A 34 12.48 -9.53 4.66
CA SER A 34 12.76 -8.38 3.79
C SER A 34 11.46 -7.79 3.26
N PRO A 35 11.36 -6.45 3.22
CA PRO A 35 10.15 -5.74 2.79
C PRO A 35 9.67 -6.09 1.39
N VAL A 36 10.61 -6.59 0.57
CA VAL A 36 10.33 -6.96 -0.79
C VAL A 36 11.15 -8.23 -1.10
N ALA A 37 10.65 -9.36 -0.62
CA ALA A 37 11.24 -10.68 -0.86
C ALA A 37 10.19 -11.78 -0.62
N ASP A 38 10.31 -12.88 -1.34
CA ASP A 38 9.39 -14.01 -1.24
C ASP A 38 9.78 -14.99 -0.14
N CYS A 39 9.75 -14.51 1.10
CA CYS A 39 10.14 -15.34 2.23
C CYS A 39 9.24 -15.12 3.44
N LEU A 40 9.04 -16.19 4.19
CA LEU A 40 8.37 -16.10 5.48
C LEU A 40 9.30 -16.57 6.57
N LEU A 41 9.39 -15.77 7.64
CA LEU A 41 10.11 -16.15 8.83
C LEU A 41 9.11 -16.68 9.85
N LEU A 43 8.40 -17.83 13.57
CA LEU A 43 8.89 -17.72 14.94
C LEU A 43 8.01 -18.54 15.89
N VAL A 44 8.55 -19.65 16.36
CA VAL A 44 7.82 -20.55 17.24
C VAL A 44 8.05 -20.17 18.71
N TYR A 45 6.99 -19.70 19.35
CA TYR A 45 7.01 -19.38 20.77
C TYR A 45 6.28 -20.46 21.57
N LYS A 46 6.61 -20.57 22.86
CA LYS A 46 6.00 -21.56 23.74
C LYS A 46 4.50 -21.30 23.91
N ASP A 47 4.16 -20.04 24.14
CA ASP A 47 2.78 -19.59 24.28
C ASP A 47 2.68 -18.09 23.98
N LYS A 48 1.50 -17.51 24.21
CA LYS A 48 1.31 -16.07 24.08
C LYS A 48 2.10 -15.28 25.14
N CYS A 49 2.33 -15.90 26.30
CA CYS A 49 3.09 -15.27 27.39
C CYS A 49 4.56 -15.06 27.06
N GLU A 50 5.25 -16.13 26.67
CA GLU A 50 6.67 -16.08 26.31
C GLU A 50 6.92 -15.23 25.06
N ARG A 51 5.85 -14.63 24.53
CA ARG A 51 5.91 -13.80 23.33
C ARG A 51 5.51 -12.35 23.63
N SER A 52 4.36 -12.17 24.28
CA SER A 52 3.89 -10.84 24.69
C SER A 52 4.76 -10.24 25.79
N LYS A 53 5.56 -11.09 26.44
CA LYS A 53 6.56 -10.63 27.41
C LYS A 53 7.76 -10.03 26.69
N GLY A 54 8.49 -10.84 25.94
CA GLY A 54 9.66 -10.38 25.19
C GLY A 54 10.79 -11.40 25.06
N LEU A 55 10.54 -12.61 25.57
CA LEU A 55 11.53 -13.70 25.50
C LEU A 55 11.81 -14.14 24.06
N ARG A 56 13.01 -14.67 23.84
CA ARG A 56 13.42 -15.17 22.53
C ARG A 56 12.73 -16.49 22.20
N GLU A 57 12.33 -16.64 20.93
CA GLU A 57 11.56 -17.80 20.46
C GLU A 57 12.21 -19.15 20.78
N ARG A 58 11.37 -20.18 20.88
CA ARG A 58 11.84 -21.54 21.11
C ARG A 58 12.59 -22.08 19.90
N SER A 59 12.06 -21.81 18.71
CA SER A 59 12.68 -22.22 17.44
C SER A 59 12.24 -21.31 16.30
N SER A 60 13.03 -21.27 15.23
CA SER A 60 12.70 -20.47 14.06
C SER A 60 13.08 -21.16 12.73
N LEU A 61 12.38 -20.78 11.67
CA LEU A 61 12.61 -21.32 10.33
C LEU A 61 12.24 -20.29 9.27
N THR A 62 12.98 -20.28 8.16
CA THR A 62 12.65 -19.43 7.02
C THR A 62 12.37 -20.23 5.75
N LEU A 63 11.37 -19.79 4.99
CA LEU A 63 10.95 -20.47 3.77
C LEU A 63 11.14 -19.51 2.61
N GLU A 64 12.04 -19.85 1.69
CA GLU A 64 12.49 -18.87 0.70
C GLU A 64 12.19 -19.24 -0.76
N ASP A 65 11.34 -20.24 -0.95
CA ASP A 65 10.97 -20.70 -2.28
C ASP A 65 9.46 -20.91 -2.35
N ILE A 66 8.72 -20.04 -1.66
CA ILE A 66 7.26 -20.12 -1.60
C ILE A 66 6.68 -19.94 -2.99
N CYS A 67 5.78 -20.85 -3.35
CA CYS A 67 5.13 -20.80 -4.65
C CYS A 67 3.61 -20.92 -4.61
N GLY A 68 3.02 -20.86 -3.40
CA GLY A 68 1.56 -20.91 -3.27
C GLY A 68 1.00 -21.27 -1.91
N LEU A 69 -0.30 -21.04 -1.75
CA LEU A 69 -1.02 -21.38 -0.53
C LEU A 69 -2.26 -22.23 -0.80
N GLU A 70 -2.46 -23.25 0.02
CA GLU A 70 -3.62 -24.12 -0.13
C GLU A 70 -4.34 -24.36 1.20
N PRO A 71 -5.48 -23.68 1.39
CA PRO A 71 -6.28 -23.80 2.60
C PRO A 71 -7.33 -24.92 2.52
N ALA A 72 -8.01 -25.16 3.64
CA ALA A 72 -9.17 -26.05 3.73
C ALA A 72 -8.86 -27.53 3.42
N LEU A 73 -7.67 -27.98 3.82
CA LEU A 73 -7.26 -29.35 3.57
C LEU A 73 -7.40 -30.22 4.81
N PRO A 74 -8.09 -31.38 4.68
CA PRO A 74 -8.04 -32.43 5.70
C PRO A 74 -6.63 -33.01 5.76
N TYR A 75 -6.04 -33.00 6.95
CA TYR A 75 -4.71 -33.55 7.13
C TYR A 75 -4.47 -34.01 8.56
N GLU A 76 -3.97 -35.24 8.69
CA GLU A 76 -3.66 -35.87 9.97
C GLU A 76 -4.60 -35.50 11.12
N GLY A 77 -5.89 -35.76 10.92
CA GLY A 77 -6.90 -35.58 11.97
C GLY A 77 -7.61 -34.24 11.96
N LEU A 78 -6.99 -33.24 11.34
CA LEU A 78 -7.52 -31.87 11.39
C LEU A 78 -8.27 -31.48 10.14
N ALA A 79 -9.45 -30.91 10.33
CA ALA A 79 -10.30 -30.49 9.23
C ALA A 79 -9.75 -29.23 8.54
N HIS A 80 -9.21 -28.32 9.34
CA HIS A 80 -8.81 -27.00 8.85
C HIS A 80 -7.30 -26.79 8.94
N THR A 81 -6.62 -27.15 7.86
CA THR A 81 -5.18 -26.96 7.76
C THR A 81 -4.80 -26.13 6.54
N LEU A 82 -3.79 -25.29 6.69
CA LEU A 82 -3.28 -24.51 5.58
C LEU A 82 -1.92 -25.03 5.18
N ALA A 83 -1.71 -25.18 3.87
CA ALA A 83 -0.42 -25.55 3.34
C ALA A 83 0.26 -24.32 2.76
N ILE A 84 1.47 -24.05 3.25
CA ILE A 84 2.36 -23.12 2.59
C ILE A 84 3.25 -23.96 1.67
N ILE A 85 3.10 -23.77 0.37
CA ILE A 85 3.80 -24.62 -0.59
C ILE A 85 5.08 -23.95 -1.08
N CYS A 86 6.16 -24.72 -1.02
CA CYS A 86 7.45 -24.31 -1.52
C CYS A 86 7.87 -25.29 -2.60
N LEU A 87 8.90 -24.91 -3.37
CA LEU A 87 9.48 -25.81 -4.36
C LEU A 87 10.09 -27.03 -3.67
N SER A 88 10.72 -26.79 -2.51
CA SER A 88 11.37 -27.85 -1.75
C SER A 88 10.42 -28.67 -0.85
N GLN A 89 9.58 -28.01 -0.05
CA GLN A 89 8.64 -28.75 0.83
C GLN A 89 7.32 -27.99 1.11
N ALA A 90 6.37 -28.66 1.73
CA ALA A 90 5.10 -28.04 2.13
C ALA A 90 4.99 -27.98 3.66
N VAL A 91 4.72 -26.79 4.17
CA VAL A 91 4.56 -26.59 5.61
C VAL A 91 3.08 -26.57 5.95
N LEU A 93 -0.09 -26.14 8.57
CA LEU A 93 -0.51 -25.41 9.76
C LEU A 93 -1.92 -25.82 10.14
N GLY A 94 -2.09 -26.28 11.38
CA GLY A 94 -3.39 -26.72 11.87
C GLY A 94 -4.12 -25.66 12.66
N PHE A 95 -5.38 -25.45 12.30
CA PHE A 95 -6.25 -24.48 12.97
C PHE A 95 -7.45 -25.20 13.55
N ASP A 96 -8.28 -24.47 14.30
CA ASP A 96 -9.49 -25.02 14.90
C ASP A 96 -10.73 -24.70 14.07
N SER A 97 -10.89 -23.44 13.69
CA SER A 97 -12.03 -23.02 12.87
C SER A 97 -11.64 -22.71 11.43
N HIS A 98 -12.61 -22.85 10.53
CA HIS A 98 -12.41 -22.55 9.12
C HIS A 98 -12.08 -21.07 8.95
N GLU A 99 -12.66 -20.23 9.79
CA GLU A 99 -12.44 -18.78 9.74
C GLU A 99 -11.00 -18.37 10.11
N ALA A 100 -10.51 -18.88 11.24
CA ALA A 100 -9.14 -18.60 11.69
C ALA A 100 -8.11 -18.92 10.60
N CYS A 102 -8.81 -19.19 7.24
CA CYS A 102 -9.09 -18.28 6.12
C CYS A 102 -8.40 -16.93 6.33
N ALA A 103 -8.52 -16.42 7.56
CA ALA A 103 -7.83 -15.22 8.00
C ALA A 103 -6.35 -15.30 7.67
N TRP A 104 -5.72 -16.43 8.02
CA TRP A 104 -4.31 -16.63 7.75
C TRP A 104 -4.00 -16.73 6.26
N ASP A 105 -4.88 -17.37 5.50
CA ASP A 105 -4.72 -17.46 4.04
C ASP A 105 -4.84 -16.08 3.40
N THR A 106 -5.88 -15.33 3.78
CA THR A 106 -6.14 -13.99 3.28
C THR A 106 -4.95 -13.07 3.56
N ARG A 107 -4.47 -13.08 4.80
CA ARG A 107 -3.40 -12.17 5.21
C ARG A 107 -2.05 -12.46 4.55
N ILE A 108 -1.71 -13.75 4.42
CA ILE A 108 -0.44 -14.16 3.81
C ILE A 108 -0.40 -13.86 2.29
N ARG A 109 -1.48 -14.16 1.58
CA ARG A 109 -1.55 -13.97 0.12
C ARG A 109 -1.27 -12.52 -0.27
N TYR A 110 -1.95 -11.60 0.41
CA TYR A 110 -1.78 -10.18 0.15
C TYR A 110 -0.35 -9.74 0.45
N ALA A 111 0.16 -10.15 1.60
CA ALA A 111 1.48 -9.79 2.08
C ALA A 111 2.60 -10.18 1.11
N LEU A 112 2.51 -11.39 0.56
CA LEU A 112 3.53 -11.92 -0.34
C LEU A 112 3.46 -11.35 -1.77
N GLY A 113 2.57 -10.39 -1.99
CA GLY A 113 2.45 -9.76 -3.29
C GLY A 113 1.29 -10.32 -4.08
N GLU A 114 1.59 -10.99 -5.18
CA GLU A 114 0.56 -11.59 -6.02
C GLU A 114 0.65 -13.09 -5.94
N VAL A 115 -0.17 -13.68 -5.07
CA VAL A 115 -0.22 -15.14 -4.99
C VAL A 115 -1.65 -15.61 -5.14
N HIS A 116 -1.87 -16.44 -6.16
CA HIS A 116 -3.20 -16.82 -6.60
C HIS A 116 -3.29 -18.32 -6.82
N ARG A 117 -4.47 -18.88 -6.56
CA ARG A 117 -4.68 -20.30 -6.71
C ARG A 117 -5.92 -20.57 -7.56
N PHE A 118 -5.83 -21.58 -8.43
CA PHE A 118 -6.94 -21.97 -9.28
C PHE A 118 -7.07 -23.49 -9.32
N HIS A 119 -8.23 -23.99 -8.87
CA HIS A 119 -8.49 -25.43 -8.90
C HIS A 119 -8.89 -25.87 -10.31
N VAL A 120 -8.02 -26.66 -10.93
CA VAL A 120 -8.15 -27.02 -12.34
C VAL A 120 -8.16 -28.53 -12.54
N THR A 121 -8.40 -28.95 -13.79
CA THR A 121 -8.21 -30.34 -14.19
C THR A 121 -7.18 -30.41 -15.31
N VAL A 122 -6.06 -31.07 -15.03
CA VAL A 122 -5.00 -31.22 -16.02
C VAL A 122 -5.37 -32.33 -17.02
N ALA A 123 -5.30 -31.99 -18.30
CA ALA A 123 -5.59 -32.91 -19.40
C ALA A 123 -4.37 -33.78 -19.72
N PRO A 124 -4.59 -35.09 -20.00
CA PRO A 124 -3.47 -35.96 -20.39
C PRO A 124 -2.83 -35.51 -21.71
N GLY A 125 -1.68 -36.08 -22.05
CA GLY A 125 -1.00 -35.77 -23.29
C GLY A 125 0.35 -35.11 -23.17
N THR A 126 0.63 -34.51 -22.01
CA THR A 126 1.92 -33.85 -21.76
C THR A 126 2.71 -34.61 -20.68
N LYS A 127 3.87 -34.08 -20.32
CA LYS A 127 4.72 -34.68 -19.27
C LYS A 127 4.05 -34.64 -17.89
N LEU A 128 3.06 -33.77 -17.75
CA LEU A 128 2.26 -33.68 -16.53
C LEU A 128 1.40 -34.91 -16.34
N GLU A 129 0.97 -35.12 -15.11
CA GLU A 129 0.05 -36.17 -14.76
C GLU A 129 -1.37 -35.62 -14.96
N SER A 130 -2.27 -36.45 -15.49
CA SER A 130 -3.65 -36.06 -15.68
C SER A 130 -4.40 -35.94 -14.35
N GLY A 131 -5.52 -35.22 -14.37
CA GLY A 131 -6.46 -35.18 -13.24
C GLY A 131 -6.51 -33.88 -12.49
N PRO A 132 -7.36 -33.82 -11.44
CA PRO A 132 -7.55 -32.61 -10.64
C PRO A 132 -6.26 -32.17 -9.97
N ALA A 133 -5.95 -30.88 -10.11
CA ALA A 133 -4.80 -30.27 -9.47
C ALA A 133 -5.14 -28.81 -9.19
N THR A 134 -4.14 -28.08 -8.73
CA THR A 134 -4.30 -26.65 -8.50
C THR A 134 -3.11 -25.88 -9.04
N LEU A 135 -3.40 -24.98 -9.99
CA LEU A 135 -2.41 -24.06 -10.50
C LEU A 135 -2.20 -22.94 -9.49
N HIS A 136 -0.93 -22.69 -9.15
CA HIS A 136 -0.57 -21.60 -8.27
C HIS A 136 0.30 -20.59 -9.00
N LEU A 137 -0.13 -19.33 -9.01
CA LEU A 137 0.71 -18.24 -9.47
C LEU A 137 1.30 -17.57 -8.24
N CYS A 138 2.62 -17.39 -8.24
CA CYS A 138 3.29 -16.76 -7.12
C CYS A 138 4.33 -15.74 -7.57
N ASN A 139 3.88 -14.51 -7.76
CA ASN A 139 4.67 -13.41 -8.32
C ASN A 139 5.34 -13.82 -9.64
N ASP A 140 6.60 -14.24 -9.56
CA ASP A 140 7.41 -14.56 -10.76
C ASP A 140 7.04 -15.89 -11.38
N ILE A 141 6.59 -16.83 -10.54
CA ILE A 141 6.54 -18.23 -10.93
C ILE A 141 5.13 -18.82 -10.99
N LEU A 142 5.00 -19.91 -11.73
CA LEU A 142 3.76 -20.65 -11.88
C LEU A 142 4.03 -22.11 -11.55
N VAL A 143 3.04 -22.76 -10.93
CA VAL A 143 3.22 -24.11 -10.38
C VAL A 143 1.92 -24.94 -10.42
N LEU A 144 2.06 -26.24 -10.65
CA LEU A 144 0.95 -27.17 -10.47
C LEU A 144 1.18 -28.08 -9.27
N ALA A 145 0.23 -28.09 -8.34
CA ALA A 145 0.38 -28.84 -7.09
C ALA A 145 -0.74 -29.88 -6.92
N ARG A 146 -0.41 -30.99 -6.26
CA ARG A 146 -1.37 -32.06 -5.99
C ARG A 146 -1.26 -32.64 -4.59
N ASP A 147 -2.34 -33.31 -4.17
CA ASP A 147 -2.39 -34.12 -2.95
C ASP A 147 -2.39 -33.32 -1.64
N ILE A 148 -2.53 -34.05 -0.53
CA ILE A 148 -2.33 -33.51 0.81
C ILE A 148 -1.30 -34.41 1.52
N PRO A 149 -0.11 -33.87 1.87
CA PRO A 149 0.38 -32.52 1.61
C PRO A 149 0.66 -32.29 0.13
N PRO A 150 0.52 -31.04 -0.34
CA PRO A 150 0.79 -30.75 -1.75
C PRO A 150 2.24 -30.97 -2.12
N THR A 151 2.45 -31.46 -3.34
CA THR A 151 3.77 -31.50 -3.97
C THR A 151 3.70 -30.82 -5.34
N VAL A 152 4.78 -30.15 -5.71
CA VAL A 152 4.87 -29.49 -7.02
C VAL A 152 5.09 -30.55 -8.10
N GLY A 154 5.30 -29.64 -11.47
CA GLY A 154 5.61 -28.84 -12.66
C GLY A 154 5.77 -27.36 -12.34
N GLN A 155 6.79 -26.73 -12.92
CA GLN A 155 7.13 -25.34 -12.59
C GLN A 155 7.66 -24.53 -13.78
N TRP A 156 7.28 -23.25 -13.83
CA TRP A 156 7.66 -22.32 -14.90
C TRP A 156 7.88 -20.92 -14.35
N LYS A 157 8.91 -20.23 -14.86
CA LYS A 157 9.00 -18.79 -14.72
C LYS A 157 8.04 -18.17 -15.72
N LEU A 158 7.30 -17.15 -15.28
CA LEU A 158 6.34 -16.46 -16.18
C LEU A 158 7.03 -15.79 -17.36
N SER A 159 8.23 -15.28 -17.13
CA SER A 159 9.07 -14.71 -18.19
C SER A 159 9.44 -15.73 -19.27
N ASP A 160 9.36 -17.02 -18.93
CA ASP A 160 9.73 -18.10 -19.84
C ASP A 160 8.55 -18.67 -20.63
N LEU A 161 7.40 -18.01 -20.53
CA LEU A 161 6.20 -18.42 -21.26
C LEU A 161 6.08 -17.66 -22.59
N ARG A 162 5.82 -18.38 -23.67
CA ARG A 162 5.65 -17.78 -25.01
C ARG A 162 4.26 -17.19 -25.18
N ARG A 163 3.26 -18.00 -24.84
CA ARG A 163 1.86 -17.71 -25.12
C ARG A 163 1.03 -18.27 -23.99
N TYR A 164 -0.13 -17.66 -23.78
CA TYR A 164 -1.14 -18.18 -22.86
C TYR A 164 -2.46 -17.59 -23.31
N GLY A 165 -3.56 -18.16 -22.82
CA GLY A 165 -4.87 -17.62 -23.14
C GLY A 165 -6.04 -18.39 -22.56
N ALA A 166 -7.16 -17.69 -22.39
CA ALA A 166 -8.41 -18.31 -21.99
C ALA A 166 -9.07 -18.96 -23.20
N VAL A 167 -9.64 -20.13 -22.99
CA VAL A 167 -10.40 -20.83 -24.01
C VAL A 167 -11.73 -21.27 -23.42
N PRO A 168 -12.75 -21.53 -24.28
CA PRO A 168 -14.02 -22.05 -23.75
C PRO A 168 -13.83 -23.16 -22.70
N ASN A 169 -14.15 -22.81 -21.47
CA ASN A 169 -14.11 -23.71 -20.30
C ASN A 169 -12.73 -24.25 -19.90
N GLY A 170 -11.67 -23.54 -20.28
CA GLY A 170 -10.33 -23.91 -19.87
C GLY A 170 -9.29 -22.81 -19.94
N PHE A 171 -8.04 -23.23 -19.98
CA PHE A 171 -6.89 -22.32 -20.05
C PHE A 171 -5.73 -23.04 -20.72
N ILE A 172 -4.93 -22.30 -21.48
CA ILE A 172 -3.75 -22.85 -22.14
C ILE A 172 -2.54 -21.94 -21.91
N PHE A 173 -1.37 -22.55 -21.70
CA PHE A 173 -0.09 -21.84 -21.72
C PHE A 173 1.01 -22.71 -22.32
N GLU A 174 1.85 -22.11 -23.16
CA GLU A 174 2.96 -22.81 -23.78
C GLU A 174 4.28 -22.36 -23.16
N GLY A 175 5.11 -23.33 -22.77
CA GLY A 175 6.43 -23.05 -22.21
C GLY A 175 7.51 -23.02 -23.27
N GLY A 176 8.43 -22.06 -23.14
CA GLY A 176 9.55 -21.93 -24.07
C GLY A 176 10.61 -22.99 -23.87
N THR A 177 11.53 -23.10 -24.83
CA THR A 177 12.65 -24.06 -24.76
C THR A 177 13.44 -23.94 -23.45
N ARG A 178 13.62 -22.70 -22.99
CA ARG A 178 14.28 -22.40 -21.70
C ARG A 178 13.80 -23.32 -20.57
N CYS A 179 12.54 -23.73 -20.66
CA CYS A 179 11.90 -24.57 -19.64
C CYS A 179 12.43 -26.00 -19.57
N GLY A 180 13.10 -26.45 -20.63
CA GLY A 180 13.66 -27.79 -20.68
C GLY A 180 12.58 -28.86 -20.66
N TYR A 181 12.57 -29.66 -19.60
CA TYR A 181 11.60 -30.75 -19.43
C TYR A 181 10.16 -30.24 -19.44
N TRP A 182 9.97 -28.99 -19.06
CA TRP A 182 8.64 -28.39 -18.97
C TRP A 182 8.27 -27.47 -20.14
N ALA A 183 8.99 -27.63 -21.26
CA ALA A 183 8.65 -26.92 -22.49
C ALA A 183 7.39 -27.52 -23.12
N GLY A 184 6.66 -26.71 -23.89
CA GLY A 184 5.50 -27.20 -24.62
C GLY A 184 4.18 -26.55 -24.24
N VAL A 185 3.11 -27.04 -24.87
CA VAL A 185 1.77 -26.54 -24.65
C VAL A 185 1.08 -27.37 -23.57
N PHE A 186 0.36 -26.70 -22.65
CA PHE A 186 -0.34 -27.40 -21.57
C PHE A 186 -1.81 -26.96 -21.49
N PHE A 187 -2.70 -27.91 -21.22
CA PHE A 187 -4.14 -27.66 -21.22
C PHE A 187 -4.78 -27.89 -19.87
N LEU A 188 -5.65 -26.97 -19.47
CA LEU A 188 -6.32 -27.03 -18.18
C LEU A 188 -7.82 -26.81 -18.32
N SER A 189 -8.61 -27.63 -17.63
CA SER A 189 -10.06 -27.46 -17.59
C SER A 189 -10.41 -26.62 -16.37
N SER A 190 -11.26 -25.62 -16.56
CA SER A 190 -11.64 -24.71 -15.46
C SER A 190 -12.72 -23.71 -15.87
N ALA A 191 -13.50 -23.25 -14.90
CA ALA A 191 -14.44 -22.16 -15.13
C ALA A 191 -13.84 -20.76 -14.84
N GLU A 192 -12.59 -20.72 -14.40
CA GLU A 192 -11.93 -19.45 -14.08
C GLU A 192 -10.85 -19.09 -15.10
N GLY A 193 -11.03 -19.55 -16.34
CA GLY A 193 -10.06 -19.33 -17.42
C GLY A 193 -9.88 -17.89 -17.83
N GLU A 194 -11.00 -17.18 -18.01
CA GLU A 194 -10.97 -15.76 -18.36
C GLU A 194 -10.35 -14.94 -17.24
N GLN A 195 -10.63 -15.34 -16.00
CA GLN A 195 -10.01 -14.72 -14.83
C GLN A 195 -8.51 -15.00 -14.81
N SER A 197 -6.57 -15.61 -17.54
CA SER A 197 -5.95 -14.89 -18.65
C SER A 197 -5.66 -13.44 -18.27
N PHE A 198 -6.62 -12.81 -17.60
CA PHE A 198 -6.50 -11.45 -17.16
C PHE A 198 -5.38 -11.24 -16.13
N LEU A 199 -5.23 -12.20 -15.23
CA LEU A 199 -4.15 -12.16 -14.23
C LEU A 199 -2.77 -12.24 -14.87
N PHE A 200 -2.60 -13.19 -15.77
CA PHE A 200 -1.37 -13.35 -16.54
C PHE A 200 -1.07 -12.10 -17.37
N ASP A 201 -2.11 -11.54 -17.99
CA ASP A 201 -2.00 -10.29 -18.75
C ASP A 201 -1.43 -9.17 -17.89
N CYS A 202 -2.00 -8.99 -16.71
CA CYS A 202 -1.56 -7.94 -15.78
C CYS A 202 -0.11 -8.18 -15.34
N ILE A 203 0.17 -9.36 -14.81
CA ILE A 203 1.49 -9.68 -14.23
C ILE A 203 2.68 -9.52 -15.21
N VAL A 204 2.54 -10.09 -16.40
CA VAL A 204 3.61 -10.01 -17.42
C VAL A 204 3.80 -8.58 -17.97
N ARG A 205 2.86 -7.70 -17.65
CA ARG A 205 2.95 -6.29 -18.03
C ARG A 205 3.24 -5.34 -16.85
N GLY A 206 3.49 -5.91 -15.68
CA GLY A 206 3.85 -5.13 -14.49
C GLY A 206 2.66 -4.55 -13.73
N ILE A 207 1.48 -5.05 -14.04
CA ILE A 207 0.26 -4.55 -13.43
C ILE A 207 -0.25 -5.55 -12.40
N SER A 208 -0.51 -5.06 -11.19
CA SER A 208 -1.28 -5.82 -10.24
C SER A 208 -2.74 -5.48 -10.48
N PRO A 209 -3.60 -6.50 -10.64
CA PRO A 209 -5.01 -6.26 -10.96
C PRO A 209 -5.66 -5.43 -9.87
N THR A 210 -5.13 -5.55 -8.67
CA THR A 210 -5.70 -4.95 -7.49
C THR A 210 -4.96 -3.67 -7.08
N LYS A 211 -3.63 -3.74 -7.07
CA LYS A 211 -2.77 -2.66 -6.58
C LYS A 211 -2.29 -1.71 -7.68
N GLY A 212 -2.58 -2.05 -8.94
CA GLY A 212 -2.08 -1.30 -10.08
C GLY A 212 -0.61 -1.58 -10.31
N PRO A 213 0.10 -0.66 -10.99
CA PRO A 213 1.52 -0.81 -11.28
C PRO A 213 2.37 -1.18 -10.05
N PHE A 214 3.35 -2.07 -10.25
CA PHE A 214 4.25 -2.48 -9.18
C PHE A 214 5.17 -1.34 -8.78
N THR B 6 -1.61 -1.88 -22.20
CA THR B 6 -0.26 -1.32 -22.27
C THR B 6 0.59 -1.71 -21.06
N GLU B 7 1.88 -1.89 -21.30
CA GLU B 7 2.84 -2.22 -20.24
C GLU B 7 3.04 -1.03 -19.31
N ALA B 8 2.83 -1.26 -18.02
CA ALA B 8 2.92 -0.21 -17.02
C ALA B 8 4.36 0.18 -16.72
N ALA B 9 4.52 1.36 -16.13
CA ALA B 9 5.81 1.86 -15.71
C ALA B 9 5.66 2.48 -14.33
N LEU B 10 6.70 2.38 -13.50
CA LEU B 10 6.69 3.18 -12.26
C LEU B 10 7.07 4.62 -12.58
N VAL B 11 8.01 4.80 -13.50
CA VAL B 11 8.28 6.11 -14.12
C VAL B 11 8.69 5.95 -15.57
N GLU B 12 8.34 6.96 -16.36
CA GLU B 12 8.80 7.06 -17.74
C GLU B 12 8.94 8.53 -18.12
N GLY B 13 9.86 8.80 -19.03
CA GLY B 13 10.11 10.16 -19.49
C GLY B 13 11.35 10.26 -20.33
N GLN B 14 11.71 11.48 -20.70
CA GLN B 14 12.90 11.70 -21.52
C GLN B 14 14.13 11.80 -20.63
N VAL B 15 15.13 10.97 -20.94
CA VAL B 15 16.31 10.79 -20.10
C VAL B 15 17.50 10.59 -21.02
N LYS B 16 18.66 11.10 -20.60
CA LYS B 16 19.93 10.80 -21.27
C LYS B 16 20.57 9.51 -20.72
N LEU B 17 21.28 8.77 -21.57
CA LEU B 17 21.87 7.48 -21.21
C LEU B 17 23.28 7.32 -21.76
N ARG B 18 24.02 6.36 -21.23
CA ARG B 18 25.39 6.10 -21.69
C ARG B 18 25.58 4.70 -22.24
N LYS B 22 29.65 9.01 -24.89
CA LYS B 22 28.78 10.18 -25.03
C LYS B 22 27.38 9.91 -24.45
N TRP B 23 26.57 10.96 -24.39
CA TRP B 23 25.18 10.86 -23.96
C TRP B 23 24.27 10.68 -25.17
N LYS B 24 23.19 9.92 -24.97
CA LYS B 24 22.18 9.75 -26.01
C LYS B 24 20.80 9.86 -25.37
N SER B 25 19.97 10.74 -25.94
CA SER B 25 18.61 10.96 -25.45
C SER B 25 17.64 9.92 -26.02
N ARG B 26 16.79 9.38 -25.13
CA ARG B 26 15.85 8.33 -25.48
C ARG B 26 14.75 8.29 -24.43
N TRP B 27 13.56 7.82 -24.82
CA TRP B 27 12.46 7.68 -23.88
C TRP B 27 12.67 6.40 -23.07
N LEU B 28 12.74 6.57 -21.74
CA LEU B 28 13.08 5.47 -20.83
C LEU B 28 11.90 5.05 -19.99
N VAL B 29 11.67 3.73 -19.96
CA VAL B 29 10.63 3.14 -19.11
C VAL B 29 11.29 2.31 -18.01
N LEU B 30 10.99 2.64 -16.76
CA LEU B 30 11.43 1.83 -15.62
C LEU B 30 10.25 1.18 -14.95
N ARG B 31 10.37 -0.13 -14.74
CA ARG B 31 9.36 -0.90 -14.02
C ARG B 31 9.97 -2.10 -13.30
N LYS B 32 9.32 -2.50 -12.20
CA LYS B 32 9.69 -3.72 -11.48
C LYS B 32 9.26 -4.93 -12.32
N PRO B 33 10.19 -5.87 -12.56
CA PRO B 33 9.94 -7.10 -13.33
C PRO B 33 8.85 -7.98 -12.71
N SER B 34 8.74 -7.91 -11.38
CA SER B 34 7.74 -8.66 -10.64
C SER B 34 7.25 -7.83 -9.45
N PRO B 35 6.07 -8.17 -8.90
CA PRO B 35 5.46 -7.39 -7.81
C PRO B 35 6.27 -7.32 -6.52
N VAL B 36 7.27 -8.18 -6.40
CA VAL B 36 8.09 -8.26 -5.19
C VAL B 36 9.57 -8.24 -5.61
N ALA B 37 9.91 -7.27 -6.46
CA ALA B 37 11.23 -7.23 -7.07
C ALA B 37 12.18 -6.21 -6.44
N ASP B 38 13.41 -6.66 -6.21
CA ASP B 38 14.54 -5.79 -5.88
C ASP B 38 15.17 -5.26 -7.16
N CYS B 39 14.65 -5.76 -8.29
CA CYS B 39 15.20 -5.45 -9.60
C CYS B 39 14.45 -4.33 -10.29
N LEU B 40 15.09 -3.77 -11.32
CA LEU B 40 14.42 -2.85 -12.22
C LEU B 40 14.63 -3.28 -13.66
N LEU B 41 13.53 -3.35 -14.41
CA LEU B 41 13.59 -3.55 -15.84
C LEU B 41 13.68 -2.19 -16.54
N LEU B 43 13.41 -0.32 -19.99
CA LEU B 43 12.88 -0.43 -21.34
C LEU B 43 13.13 0.87 -22.10
N VAL B 44 13.98 0.79 -23.12
CA VAL B 44 14.40 1.98 -23.88
C VAL B 44 13.78 2.02 -25.27
N TYR B 45 13.11 3.14 -25.55
CA TYR B 45 12.56 3.42 -26.87
C TYR B 45 13.30 4.61 -27.47
N LYS B 46 13.25 4.74 -28.80
CA LYS B 46 13.89 5.87 -29.49
C LYS B 46 13.24 7.20 -29.11
N ASP B 47 11.90 7.20 -29.09
CA ASP B 47 11.12 8.38 -28.79
C ASP B 47 9.84 7.99 -28.05
N LYS B 48 9.07 8.98 -27.61
CA LYS B 48 7.78 8.73 -26.96
C LYS B 48 6.76 8.06 -27.88
N CYS B 49 6.79 8.40 -29.17
CA CYS B 49 5.84 7.85 -30.14
C CYS B 49 5.95 6.34 -30.29
N GLU B 50 7.18 5.84 -30.46
CA GLU B 50 7.43 4.40 -30.53
C GLU B 50 6.81 3.68 -29.33
N ARG B 51 6.84 4.35 -28.17
CA ARG B 51 6.23 3.87 -26.93
C ARG B 51 4.71 4.07 -26.96
N SER B 52 4.26 5.22 -27.44
CA SER B 52 2.84 5.51 -27.61
C SER B 52 2.18 4.47 -28.52
N LYS B 53 2.83 4.21 -29.66
CA LYS B 53 2.34 3.24 -30.64
C LYS B 53 2.55 1.80 -30.15
N GLY B 54 3.07 1.68 -28.92
CA GLY B 54 3.21 0.38 -28.27
C GLY B 54 4.01 -0.64 -29.06
N LEU B 55 5.09 -0.19 -29.69
CA LEU B 55 5.99 -1.09 -30.41
C LEU B 55 6.97 -1.72 -29.42
N ARG B 56 7.60 -2.82 -29.84
CA ARG B 56 8.60 -3.49 -29.01
C ARG B 56 9.87 -2.64 -28.89
N GLU B 57 10.29 -2.44 -27.65
CA GLU B 57 11.43 -1.57 -27.29
C GLU B 57 12.72 -1.88 -28.07
N ARG B 58 13.58 -0.87 -28.20
CA ARG B 58 14.85 -1.03 -28.91
C ARG B 58 15.85 -1.87 -28.10
N SER B 59 15.81 -1.69 -26.78
CA SER B 59 16.69 -2.43 -25.88
C SER B 59 16.04 -2.65 -24.52
N SER B 60 16.50 -3.70 -23.83
CA SER B 60 16.03 -4.01 -22.50
C SER B 60 17.21 -4.39 -21.61
N LEU B 61 17.05 -4.16 -20.30
CA LEU B 61 18.06 -4.53 -19.32
C LEU B 61 17.43 -4.70 -17.94
N THR B 62 17.92 -5.68 -17.19
CA THR B 62 17.44 -5.92 -15.83
C THR B 62 18.58 -5.73 -14.85
N LEU B 63 18.41 -4.76 -13.96
CA LEU B 63 19.35 -4.49 -12.88
C LEU B 63 18.94 -5.31 -11.67
N GLU B 64 19.73 -6.33 -11.33
CA GLU B 64 19.31 -7.31 -10.34
C GLU B 64 20.13 -7.31 -9.04
N ASP B 65 20.94 -6.27 -8.87
CA ASP B 65 21.84 -6.15 -7.74
C ASP B 65 21.95 -4.71 -7.24
N ILE B 66 20.81 -4.02 -7.20
CA ILE B 66 20.73 -2.63 -6.77
C ILE B 66 21.04 -2.48 -5.27
N CYS B 67 21.93 -1.52 -4.96
CA CYS B 67 22.38 -1.22 -3.60
C CYS B 67 21.84 0.09 -3.03
N GLY B 68 21.42 0.98 -3.92
CA GLY B 68 20.93 2.29 -3.51
C GLY B 68 20.79 3.29 -4.62
N LEU B 69 20.17 4.42 -4.30
CA LEU B 69 20.01 5.53 -5.22
C LEU B 69 20.65 6.80 -4.66
N GLU B 70 21.13 7.65 -5.55
CA GLU B 70 21.83 8.88 -5.18
C GLU B 70 21.73 9.87 -6.34
N PRO B 71 20.93 10.95 -6.17
CA PRO B 71 20.74 12.01 -7.16
C PRO B 71 21.71 13.18 -7.04
N ALA B 72 21.82 13.98 -8.10
CA ALA B 72 22.57 15.25 -8.14
C ALA B 72 24.08 15.11 -7.92
N LEU B 73 24.67 14.13 -8.59
CA LEU B 73 26.11 14.00 -8.69
C LEU B 73 26.52 14.51 -10.07
N PRO B 74 27.53 15.40 -10.12
CA PRO B 74 28.04 15.87 -11.41
C PRO B 74 28.74 14.75 -12.17
N TYR B 75 28.45 14.64 -13.45
CA TYR B 75 28.95 13.54 -14.27
C TYR B 75 28.80 13.85 -15.76
N GLU B 76 29.92 13.81 -16.48
CA GLU B 76 29.97 13.97 -17.95
C GLU B 76 29.22 15.20 -18.47
N GLY B 77 29.37 16.32 -17.76
CA GLY B 77 28.79 17.60 -18.18
C GLY B 77 27.38 17.83 -17.70
N LEU B 78 26.83 16.87 -16.98
CA LEU B 78 25.45 16.99 -16.47
C LEU B 78 25.41 17.12 -14.96
N ALA B 79 24.40 17.83 -14.45
CA ALA B 79 24.27 18.10 -13.01
C ALA B 79 23.00 17.48 -12.39
N HIS B 80 21.96 17.31 -13.21
CA HIS B 80 20.76 16.62 -12.77
C HIS B 80 20.81 15.17 -13.26
N THR B 81 21.61 14.37 -12.55
CA THR B 81 21.80 12.97 -12.86
C THR B 81 21.35 12.13 -11.66
N LEU B 82 20.91 10.91 -11.95
CA LEU B 82 20.60 9.95 -10.90
C LEU B 82 21.45 8.72 -11.07
N ALA B 83 21.98 8.22 -9.96
CA ALA B 83 22.77 7.01 -9.97
C ALA B 83 21.93 5.87 -9.40
N ILE B 84 21.80 4.81 -10.19
CA ILE B 84 21.33 3.52 -9.70
C ILE B 84 22.59 2.73 -9.39
N ILE B 85 22.87 2.58 -8.10
CA ILE B 85 24.07 1.92 -7.63
C ILE B 85 23.83 0.41 -7.50
N CYS B 86 24.71 -0.37 -8.12
CA CYS B 86 24.61 -1.81 -8.08
C CYS B 86 25.92 -2.41 -7.59
N LEU B 87 25.87 -3.66 -7.12
CA LEU B 87 27.08 -4.36 -6.71
C LEU B 87 28.11 -4.40 -7.83
N SER B 88 27.65 -4.63 -9.05
CA SER B 88 28.51 -4.66 -10.24
C SER B 88 28.85 -3.26 -10.75
N GLN B 89 27.83 -2.54 -11.21
CA GLN B 89 28.03 -1.27 -11.90
C GLN B 89 27.06 -0.18 -11.43
N ALA B 90 27.37 1.06 -11.75
CA ALA B 90 26.45 2.17 -11.54
C ALA B 90 25.83 2.56 -12.88
N VAL B 91 24.53 2.82 -12.87
CA VAL B 91 23.82 3.27 -14.06
C VAL B 91 23.47 4.74 -13.90
N LEU B 93 21.68 8.15 -15.00
CA LEU B 93 20.54 8.72 -15.72
C LEU B 93 20.71 10.23 -15.82
N GLY B 94 20.35 10.78 -16.99
CA GLY B 94 20.51 12.20 -17.25
C GLY B 94 19.19 12.93 -17.42
N PHE B 95 18.96 13.91 -16.57
CA PHE B 95 17.75 14.70 -16.60
C PHE B 95 18.06 16.15 -16.86
N ASP B 96 17.09 16.87 -17.41
CA ASP B 96 17.19 18.30 -17.62
C ASP B 96 16.90 18.99 -16.30
N SER B 97 15.63 18.91 -15.89
CA SER B 97 15.14 19.59 -14.70
C SER B 97 15.53 18.89 -13.41
N HIS B 98 15.81 19.71 -12.40
CA HIS B 98 16.04 19.23 -11.04
C HIS B 98 14.85 18.45 -10.48
N GLU B 99 13.63 18.97 -10.68
CA GLU B 99 12.44 18.38 -10.06
C GLU B 99 12.07 17.01 -10.63
N ALA B 100 12.38 16.79 -11.92
CA ALA B 100 12.16 15.51 -12.58
C ALA B 100 13.09 14.44 -12.02
N CYS B 102 14.40 14.53 -8.93
CA CYS B 102 13.89 14.29 -7.58
C CYS B 102 12.64 13.42 -7.62
N ALA B 103 11.75 13.70 -8.57
CA ALA B 103 10.56 12.90 -8.78
C ALA B 103 10.93 11.44 -9.02
N TRP B 104 11.89 11.22 -9.92
CA TRP B 104 12.38 9.87 -10.20
C TRP B 104 13.02 9.21 -8.97
N ASP B 105 13.88 9.94 -8.26
CA ASP B 105 14.50 9.45 -7.04
C ASP B 105 13.47 9.05 -5.98
N THR B 106 12.48 9.92 -5.75
CA THR B 106 11.44 9.67 -4.75
C THR B 106 10.54 8.49 -5.13
N ARG B 107 10.16 8.41 -6.40
CA ARG B 107 9.28 7.34 -6.88
C ARG B 107 9.99 5.99 -6.86
N ILE B 108 11.21 5.93 -7.39
CA ILE B 108 12.01 4.70 -7.41
C ILE B 108 12.33 4.18 -6.01
N ARG B 109 12.71 5.08 -5.10
CA ARG B 109 12.97 4.72 -3.69
C ARG B 109 11.82 3.96 -3.04
N TYR B 110 10.64 4.57 -3.06
CA TYR B 110 9.46 3.98 -2.44
C TYR B 110 9.13 2.62 -3.03
N ALA B 111 9.19 2.53 -4.36
CA ALA B 111 8.87 1.31 -5.08
C ALA B 111 9.77 0.13 -4.74
N LEU B 112 11.05 0.39 -4.47
CA LEU B 112 12.00 -0.68 -4.19
C LEU B 112 11.93 -1.25 -2.77
N GLY B 113 11.18 -0.57 -1.89
CA GLY B 113 10.94 -1.05 -0.53
C GLY B 113 11.48 -0.09 0.50
N GLU B 114 12.58 -0.46 1.14
CA GLU B 114 13.25 0.43 2.09
C GLU B 114 14.65 0.75 1.60
N VAL B 115 14.78 1.91 0.95
CA VAL B 115 16.04 2.36 0.38
C VAL B 115 16.34 3.80 0.78
N HIS B 116 17.37 3.93 1.60
CA HIS B 116 17.73 5.17 2.28
C HIS B 116 19.21 5.44 2.10
N ARG B 117 19.61 6.71 2.17
CA ARG B 117 21.00 7.06 2.04
C ARG B 117 21.36 8.17 3.00
N PHE B 118 22.57 8.09 3.56
CA PHE B 118 23.07 9.10 4.49
C PHE B 118 24.50 9.48 4.13
N HIS B 119 24.75 10.77 3.91
CA HIS B 119 26.10 11.28 3.68
C HIS B 119 26.93 11.15 4.96
N VAL B 120 27.99 10.36 4.88
CA VAL B 120 28.86 10.09 6.03
C VAL B 120 30.36 10.28 5.72
N THR B 121 31.17 10.31 6.77
CA THR B 121 32.62 10.31 6.66
C THR B 121 33.14 9.05 7.34
N VAL B 122 33.82 8.20 6.57
CA VAL B 122 34.34 6.95 7.09
C VAL B 122 35.66 7.18 7.83
N ALA B 123 35.69 6.82 9.11
CA ALA B 123 36.89 6.99 9.94
C ALA B 123 38.04 6.09 9.52
N PRO B 124 39.28 6.62 9.54
CA PRO B 124 40.46 5.76 9.29
C PRO B 124 40.68 4.74 10.41
N GLY B 125 41.30 3.62 10.06
CA GLY B 125 41.62 2.57 11.03
C GLY B 125 41.24 1.17 10.59
N THR B 126 40.28 1.08 9.67
CA THR B 126 39.75 -0.21 9.24
C THR B 126 40.17 -0.57 7.82
N LYS B 127 39.62 -1.67 7.30
CA LYS B 127 39.81 -2.07 5.90
C LYS B 127 39.22 -1.05 4.92
N LEU B 128 38.24 -0.28 5.38
CA LEU B 128 37.53 0.70 4.54
C LEU B 128 38.38 1.95 4.31
N GLU B 129 38.32 2.45 3.08
CA GLU B 129 38.90 3.73 2.74
C GLU B 129 38.20 4.84 3.52
N SER B 130 38.99 5.76 4.06
CA SER B 130 38.45 6.88 4.81
C SER B 130 38.01 8.04 3.91
N GLY B 131 37.25 8.97 4.49
CA GLY B 131 36.79 10.18 3.80
C GLY B 131 35.30 10.19 3.52
N PRO B 132 34.79 11.28 2.90
CA PRO B 132 33.37 11.36 2.53
C PRO B 132 32.89 10.13 1.75
N ALA B 133 31.68 9.69 2.07
CA ALA B 133 31.06 8.54 1.42
C ALA B 133 29.58 8.62 1.69
N THR B 134 28.81 7.74 1.06
CA THR B 134 27.38 7.68 1.33
C THR B 134 26.97 6.28 1.75
N LEU B 135 26.32 6.17 2.90
CA LEU B 135 25.85 4.87 3.39
C LEU B 135 24.46 4.58 2.84
N HIS B 136 24.31 3.41 2.21
CA HIS B 136 23.02 3.01 1.65
C HIS B 136 22.44 1.78 2.34
N LEU B 137 21.18 1.88 2.77
CA LEU B 137 20.45 0.71 3.21
C LEU B 137 19.48 0.34 2.10
N CYS B 138 19.66 -0.87 1.55
CA CYS B 138 18.76 -1.39 0.53
C CYS B 138 18.10 -2.68 1.00
N ASN B 139 16.97 -2.54 1.68
CA ASN B 139 16.23 -3.65 2.29
C ASN B 139 17.08 -4.52 3.22
N ASP B 140 17.58 -5.64 2.71
CA ASP B 140 18.32 -6.61 3.53
C ASP B 140 19.84 -6.40 3.49
N ILE B 141 20.30 -5.44 2.68
CA ILE B 141 21.73 -5.18 2.53
C ILE B 141 22.18 -3.76 2.88
N LEU B 142 23.38 -3.67 3.45
CA LEU B 142 24.00 -2.39 3.78
C LEU B 142 25.24 -2.22 2.92
N VAL B 143 25.38 -1.03 2.36
CA VAL B 143 26.45 -0.73 1.44
C VAL B 143 27.04 0.64 1.73
N LEU B 144 28.35 0.76 1.55
CA LEU B 144 29.02 2.06 1.52
C LEU B 144 29.43 2.36 0.08
N ALA B 145 29.25 3.60 -0.34
CA ALA B 145 29.55 3.98 -1.72
C ALA B 145 30.31 5.30 -1.84
N ARG B 146 31.22 5.34 -2.81
CA ARG B 146 32.14 6.44 -3.01
C ARG B 146 32.26 6.82 -4.47
N ASP B 147 32.70 8.06 -4.69
CA ASP B 147 33.09 8.58 -6.01
C ASP B 147 31.92 8.77 -6.96
N ILE B 148 32.25 9.36 -8.12
CA ILE B 148 31.33 9.44 -9.24
C ILE B 148 32.10 8.85 -10.41
N PRO B 149 31.54 7.82 -11.08
CA PRO B 149 30.27 7.17 -10.71
C PRO B 149 30.44 6.28 -9.47
N PRO B 150 29.43 6.23 -8.58
CA PRO B 150 29.57 5.52 -7.31
C PRO B 150 29.96 4.05 -7.48
N THR B 151 30.94 3.61 -6.69
CA THR B 151 31.33 2.20 -6.63
C THR B 151 31.20 1.70 -5.20
N VAL B 152 30.85 0.42 -5.05
CA VAL B 152 30.63 -0.20 -3.75
C VAL B 152 31.96 -0.59 -3.12
N GLY B 154 32.10 -1.41 0.42
CA GLY B 154 31.80 -2.21 1.61
C GLY B 154 30.37 -2.66 1.58
N GLN B 155 30.14 -3.94 1.90
CA GLN B 155 28.80 -4.52 1.86
C GLN B 155 28.54 -5.54 2.97
N TRP B 156 27.37 -5.46 3.58
CA TRP B 156 26.96 -6.36 4.66
C TRP B 156 25.49 -6.72 4.51
N LYS B 157 25.12 -7.95 4.82
CA LYS B 157 23.73 -8.26 5.15
C LYS B 157 23.48 -7.66 6.52
N LEU B 158 22.35 -6.97 6.68
CA LEU B 158 21.95 -6.48 8.00
C LEU B 158 21.83 -7.59 9.05
N SER B 159 21.43 -8.79 8.63
CA SER B 159 21.26 -9.92 9.53
C SER B 159 22.59 -10.48 10.06
N ASP B 160 23.70 -9.99 9.52
CA ASP B 160 25.02 -10.46 9.91
C ASP B 160 25.76 -9.45 10.80
N LEU B 161 25.08 -8.36 11.14
CA LEU B 161 25.61 -7.36 12.07
C LEU B 161 25.34 -7.77 13.53
N ARG B 162 26.39 -7.81 14.34
CA ARG B 162 26.25 -8.12 15.77
C ARG B 162 25.60 -6.99 16.51
N ARG B 163 26.15 -5.80 16.32
CA ARG B 163 25.82 -4.62 17.11
C ARG B 163 25.86 -3.39 16.23
N TYR B 164 25.18 -2.34 16.68
CA TYR B 164 25.22 -1.04 16.03
C TYR B 164 24.61 -0.03 16.99
N GLY B 165 24.91 1.25 16.77
CA GLY B 165 24.30 2.30 17.57
C GLY B 165 24.75 3.71 17.25
N ALA B 166 23.88 4.67 17.54
CA ALA B 166 24.20 6.08 17.43
C ALA B 166 25.17 6.50 18.51
N VAL B 167 26.06 7.42 18.16
CA VAL B 167 26.99 8.04 19.11
C VAL B 167 27.08 9.54 18.80
N PRO B 168 27.60 10.36 19.74
CA PRO B 168 27.86 11.78 19.44
C PRO B 168 28.50 11.96 18.07
N ASN B 169 27.85 12.77 17.23
CA ASN B 169 28.31 13.07 15.86
C ASN B 169 28.69 11.87 14.99
N GLY B 170 28.11 10.71 15.25
CA GLY B 170 28.44 9.52 14.48
C GLY B 170 27.53 8.33 14.65
N PHE B 171 27.99 7.20 14.12
CA PHE B 171 27.27 5.94 14.12
C PHE B 171 28.27 4.80 14.01
N ILE B 172 28.13 3.81 14.89
CA ILE B 172 29.01 2.64 14.89
C ILE B 172 28.22 1.39 14.53
N PHE B 173 28.79 0.54 13.68
CA PHE B 173 28.24 -0.80 13.45
C PHE B 173 29.30 -1.88 13.39
N GLU B 174 28.95 -3.09 13.83
CA GLU B 174 29.88 -4.22 13.82
C GLU B 174 29.35 -5.41 13.00
N GLY B 175 30.13 -5.83 12.02
CA GLY B 175 29.82 -7.05 11.27
C GLY B 175 30.45 -8.27 11.91
N GLY B 176 29.67 -9.35 11.97
CA GLY B 176 30.11 -10.57 12.62
C GLY B 176 30.87 -11.54 11.75
N THR B 177 31.07 -12.75 12.27
CA THR B 177 31.77 -13.83 11.57
C THR B 177 31.19 -14.13 10.20
N ARG B 178 29.86 -14.09 10.11
CA ARG B 178 29.14 -14.31 8.85
C ARG B 178 29.76 -13.54 7.67
N CYS B 179 30.21 -12.31 7.93
CA CYS B 179 30.83 -11.47 6.89
C CYS B 179 32.36 -11.51 6.91
N GLY B 180 32.90 -12.62 6.44
CA GLY B 180 34.33 -12.93 6.42
C GLY B 180 35.34 -11.82 6.66
N TYR B 181 35.79 -11.16 5.59
CA TYR B 181 36.77 -10.08 5.71
C TYR B 181 36.12 -8.71 5.88
N TRP B 182 34.80 -8.68 5.86
CA TRP B 182 34.08 -7.48 6.24
C TRP B 182 33.66 -7.49 7.71
N ALA B 183 34.10 -8.53 8.44
CA ALA B 183 33.86 -8.62 9.88
C ALA B 183 34.59 -7.50 10.62
N GLY B 184 34.07 -7.12 11.77
CA GLY B 184 34.72 -6.14 12.63
C GLY B 184 33.90 -4.89 12.89
N VAL B 185 34.55 -3.90 13.49
CA VAL B 185 33.88 -2.69 13.97
C VAL B 185 34.22 -1.49 13.08
N PHE B 186 33.20 -0.74 12.68
CA PHE B 186 33.36 0.37 11.74
C PHE B 186 32.72 1.65 12.25
N PHE B 187 33.35 2.79 11.94
CA PHE B 187 33.02 4.07 12.54
C PHE B 187 32.70 5.12 11.48
N LEU B 188 31.55 5.76 11.61
CA LEU B 188 31.14 6.81 10.67
C LEU B 188 30.78 8.09 11.39
N SER B 189 31.15 9.22 10.79
CA SER B 189 30.75 10.54 11.23
C SER B 189 29.54 11.01 10.45
N SER B 190 28.51 11.46 11.16
CA SER B 190 27.32 12.03 10.57
C SER B 190 26.46 12.66 11.65
N ALA B 191 25.57 13.56 11.24
CA ALA B 191 24.61 14.17 12.17
C ALA B 191 23.27 13.40 12.22
N GLU B 192 23.24 12.20 11.65
CA GLU B 192 21.98 11.45 11.54
C GLU B 192 22.05 10.05 12.14
N GLY B 193 22.89 9.89 13.15
CA GLY B 193 23.11 8.59 13.77
C GLY B 193 21.88 8.02 14.44
N GLU B 194 21.13 8.89 15.11
CA GLU B 194 19.85 8.55 15.73
C GLU B 194 18.85 8.06 14.67
N GLN B 195 18.82 8.72 13.52
CA GLN B 195 18.01 8.29 12.38
C GLN B 195 18.47 6.97 11.78
N SER B 197 20.22 4.52 13.42
CA SER B 197 20.02 3.48 14.42
C SER B 197 18.55 3.06 14.50
N PHE B 198 17.65 4.03 14.42
CA PHE B 198 16.23 3.77 14.44
C PHE B 198 15.76 3.02 13.20
N LEU B 199 16.32 3.39 12.05
CA LEU B 199 16.07 2.69 10.81
C LEU B 199 16.51 1.22 10.95
N PHE B 200 17.71 1.03 11.49
CA PHE B 200 18.27 -0.28 11.77
C PHE B 200 17.38 -1.08 12.73
N ASP B 201 16.96 -0.46 13.82
CA ASP B 201 16.08 -1.08 14.81
C ASP B 201 14.78 -1.58 14.19
N CYS B 202 14.23 -0.79 13.27
CA CYS B 202 12.98 -1.11 12.64
C CYS B 202 13.12 -2.29 11.68
N ILE B 203 14.08 -2.20 10.75
CA ILE B 203 14.23 -3.22 9.71
C ILE B 203 14.51 -4.62 10.28
N VAL B 204 15.47 -4.72 11.20
CA VAL B 204 15.86 -6.01 11.78
C VAL B 204 14.73 -6.67 12.57
N ARG B 205 13.71 -5.88 12.91
CA ARG B 205 12.51 -6.38 13.58
C ARG B 205 11.32 -6.47 12.63
N GLY B 206 11.56 -6.22 11.34
CA GLY B 206 10.55 -6.38 10.30
C GLY B 206 9.58 -5.22 10.14
N ILE B 207 9.83 -4.14 10.87
CA ILE B 207 9.03 -2.94 10.76
C ILE B 207 9.65 -2.01 9.73
N SER B 208 8.80 -1.45 8.87
CA SER B 208 9.18 -0.31 8.05
C SER B 208 8.79 0.91 8.86
N PRO B 209 9.71 1.88 9.04
CA PRO B 209 9.40 3.02 9.89
C PRO B 209 8.15 3.73 9.41
N THR B 210 7.92 3.68 8.10
CA THR B 210 6.84 4.40 7.47
C THR B 210 5.61 3.50 7.27
N LYS B 211 5.81 2.25 6.86
CA LYS B 211 4.70 1.36 6.49
C LYS B 211 4.25 0.39 7.60
N GLY B 212 4.98 0.35 8.70
CA GLY B 212 4.76 -0.69 9.71
C GLY B 212 5.24 -2.02 9.18
N PRO B 213 4.76 -3.13 9.77
CA PRO B 213 5.18 -4.50 9.41
C PRO B 213 5.16 -4.76 7.91
N PHE B 214 6.17 -5.47 7.41
CA PHE B 214 6.24 -5.83 5.99
C PHE B 214 5.08 -6.76 5.62
N GLU C 7 -1.84 14.60 -15.43
CA GLU C 7 -3.01 14.23 -14.58
C GLU C 7 -3.22 12.72 -14.60
N ALA C 8 -3.12 12.10 -13.41
CA ALA C 8 -3.10 10.65 -13.30
C ALA C 8 -4.47 10.01 -13.19
N ALA C 9 -4.55 8.76 -13.62
CA ALA C 9 -5.75 7.95 -13.49
C ALA C 9 -5.41 6.69 -12.72
N LEU C 10 -6.31 6.27 -11.83
CA LEU C 10 -6.23 4.93 -11.25
C LEU C 10 -6.68 3.91 -12.31
N VAL C 11 -7.72 4.25 -13.06
CA VAL C 11 -8.13 3.51 -14.28
C VAL C 11 -8.64 4.45 -15.37
N GLU C 12 -8.46 4.04 -16.63
CA GLU C 12 -8.98 4.78 -17.77
C GLU C 12 -9.22 3.86 -18.98
N GLY C 13 -10.10 4.29 -19.87
CA GLY C 13 -10.37 3.57 -21.10
C GLY C 13 -11.68 3.97 -21.76
N GLN C 14 -11.97 3.35 -22.90
CA GLN C 14 -13.24 3.55 -23.58
C GLN C 14 -14.36 2.90 -22.78
N VAL C 15 -15.26 3.74 -22.29
CA VAL C 15 -16.41 3.31 -21.49
C VAL C 15 -17.65 3.99 -22.04
N LYS C 16 -18.75 3.26 -22.08
CA LYS C 16 -20.03 3.86 -22.42
C LYS C 16 -20.70 4.46 -21.18
N LEU C 17 -21.17 5.69 -21.31
CA LEU C 17 -21.81 6.42 -20.22
C LEU C 17 -23.27 6.74 -20.55
N ARG C 18 -23.99 7.33 -19.60
CA ARG C 18 -25.42 7.59 -19.79
C ARG C 18 -25.86 9.03 -19.58
N ASP C 19 -26.63 9.53 -20.54
CA ASP C 19 -27.18 10.90 -20.48
C ASP C 19 -28.70 10.89 -20.36
N GLY C 20 -29.39 10.80 -21.50
CA GLY C 20 -30.84 10.77 -21.56
C GLY C 20 -31.34 9.74 -22.55
N LYS C 21 -31.77 8.59 -22.03
CA LYS C 21 -32.28 7.46 -22.82
C LYS C 21 -31.30 6.91 -23.86
N LYS C 22 -30.02 7.24 -23.70
CA LYS C 22 -28.99 6.82 -24.65
C LYS C 22 -27.68 6.47 -23.95
N TRP C 23 -26.89 5.62 -24.60
CA TRP C 23 -25.52 5.32 -24.21
C TRP C 23 -24.59 6.17 -25.06
N LYS C 24 -23.50 6.65 -24.47
CA LYS C 24 -22.50 7.40 -25.22
C LYS C 24 -21.11 6.89 -24.91
N SER C 25 -20.40 6.50 -25.96
CA SER C 25 -19.02 6.06 -25.84
C SER C 25 -18.11 7.27 -25.62
N ARG C 26 -17.24 7.18 -24.63
CA ARG C 26 -16.30 8.25 -24.28
C ARG C 26 -15.12 7.70 -23.50
N TRP C 27 -13.93 8.26 -23.75
CA TRP C 27 -12.76 7.93 -22.95
C TRP C 27 -12.92 8.52 -21.55
N LEU C 28 -13.02 7.64 -20.56
CA LEU C 28 -13.28 8.04 -19.18
C LEU C 28 -12.01 7.92 -18.35
N VAL C 29 -11.77 8.92 -17.50
CA VAL C 29 -10.71 8.84 -16.52
C VAL C 29 -11.31 8.80 -15.12
N LEU C 30 -10.94 7.79 -14.36
CA LEU C 30 -11.29 7.72 -12.96
C LEU C 30 -10.07 7.89 -12.06
N ARG C 31 -10.15 8.85 -11.14
CA ARG C 31 -9.17 8.98 -10.07
C ARG C 31 -9.80 9.48 -8.78
N LYS C 32 -9.15 9.19 -7.66
CA LYS C 32 -9.53 9.75 -6.37
C LYS C 32 -9.18 11.23 -6.34
N PRO C 33 -10.10 12.09 -5.81
CA PRO C 33 -9.79 13.52 -5.66
C PRO C 33 -8.67 13.74 -4.65
N SER C 34 -8.61 12.88 -3.63
CA SER C 34 -7.57 12.88 -2.62
C SER C 34 -7.31 11.44 -2.16
N PRO C 35 -6.06 11.13 -1.74
CA PRO C 35 -5.65 9.73 -1.53
C PRO C 35 -6.37 8.98 -0.42
N VAL C 36 -7.01 9.72 0.48
CA VAL C 36 -7.63 9.10 1.67
C VAL C 36 -9.05 9.64 1.88
N ALA C 37 -9.93 9.40 0.90
CA ALA C 37 -11.32 9.87 0.94
C ALA C 37 -12.32 8.96 0.21
N ASP C 38 -13.56 9.00 0.67
CA ASP C 38 -14.67 8.16 0.21
C ASP C 38 -15.16 8.51 -1.21
N CYS C 39 -14.27 9.04 -2.06
CA CYS C 39 -14.68 9.72 -3.28
C CYS C 39 -14.01 9.27 -4.58
N LEU C 40 -14.70 9.54 -5.69
CA LEU C 40 -14.13 9.38 -7.04
C LEU C 40 -14.41 10.60 -7.91
N LEU C 41 -13.48 10.91 -8.80
CA LEU C 41 -13.66 11.96 -9.79
C LEU C 41 -13.71 11.33 -11.18
N LEU C 43 -13.49 12.02 -15.12
CA LEU C 43 -13.04 12.97 -16.13
C LEU C 43 -13.36 12.45 -17.55
N VAL C 44 -14.29 13.14 -18.21
CA VAL C 44 -14.80 12.72 -19.51
C VAL C 44 -14.10 13.43 -20.67
N TYR C 45 -13.40 12.65 -21.49
CA TYR C 45 -12.73 13.16 -22.68
C TYR C 45 -13.41 12.60 -23.93
N LYS C 46 -13.10 13.15 -25.09
CA LYS C 46 -13.63 12.66 -26.35
C LYS C 46 -13.01 11.32 -26.74
N ASP C 47 -11.69 11.24 -26.64
CA ASP C 47 -10.93 10.02 -26.97
C ASP C 47 -9.51 10.08 -26.39
N LYS C 48 -8.83 8.93 -26.40
CA LYS C 48 -7.45 8.85 -25.91
C LYS C 48 -6.52 9.87 -26.58
N CYS C 49 -6.92 10.36 -27.76
CA CYS C 49 -6.15 11.35 -28.51
C CYS C 49 -6.21 12.73 -27.85
N GLU C 50 -7.43 13.15 -27.47
CA GLU C 50 -7.63 14.36 -26.69
C GLU C 50 -6.99 14.23 -25.30
N ARG C 51 -7.00 13.01 -24.77
CA ARG C 51 -6.42 12.67 -23.47
C ARG C 51 -4.90 12.75 -23.48
N SER C 52 -4.27 12.11 -24.46
CA SER C 52 -2.82 12.06 -24.58
C SER C 52 -2.22 13.45 -24.77
N LYS C 53 -2.90 14.29 -25.55
CA LYS C 53 -2.50 15.67 -25.76
C LYS C 53 -2.41 16.42 -24.43
N GLY C 54 -3.52 16.44 -23.70
CA GLY C 54 -3.59 17.07 -22.39
C GLY C 54 -4.53 18.26 -22.32
N LEU C 55 -5.47 18.34 -23.27
CA LEU C 55 -6.47 19.40 -23.28
C LEU C 55 -7.52 19.17 -22.19
N ARG C 56 -8.36 20.17 -21.95
CA ARG C 56 -9.38 20.07 -20.91
C ARG C 56 -10.48 19.03 -21.23
N GLU C 57 -10.97 18.38 -20.18
CA GLU C 57 -12.03 17.38 -20.29
C GLU C 57 -13.40 18.03 -20.57
N ARG C 58 -14.18 17.40 -21.45
CA ARG C 58 -15.50 17.91 -21.84
C ARG C 58 -16.39 18.23 -20.63
N SER C 59 -16.49 17.29 -19.70
CA SER C 59 -17.23 17.48 -18.46
C SER C 59 -16.62 16.65 -17.34
N SER C 60 -17.12 16.84 -16.12
CA SER C 60 -16.62 16.14 -14.95
C SER C 60 -17.65 16.09 -13.84
N LEU C 61 -17.52 15.07 -12.98
CA LEU C 61 -18.39 14.92 -11.82
C LEU C 61 -17.63 14.23 -10.70
N THR C 62 -17.91 14.66 -9.46
CA THR C 62 -17.37 14.01 -8.28
C THR C 62 -18.48 13.20 -7.61
N LEU C 63 -18.12 12.02 -7.11
CA LEU C 63 -19.02 11.18 -6.34
C LEU C 63 -18.51 11.07 -4.91
N GLU C 64 -19.27 11.60 -3.96
CA GLU C 64 -18.76 11.80 -2.60
C GLU C 64 -19.58 11.14 -1.49
N ASP C 65 -20.20 10.02 -1.80
CA ASP C 65 -20.99 9.28 -0.79
C ASP C 65 -21.14 7.80 -1.18
N ILE C 66 -20.05 7.25 -1.73
CA ILE C 66 -20.04 5.91 -2.31
C ILE C 66 -20.35 4.83 -1.27
N CYS C 67 -21.29 3.94 -1.63
CA CYS C 67 -21.78 2.89 -0.74
C CYS C 67 -21.22 1.54 -1.10
N GLY C 68 -20.95 1.34 -2.39
CA GLY C 68 -20.49 0.06 -2.87
C GLY C 68 -20.43 -0.06 -4.38
N LEU C 69 -19.93 -1.19 -4.85
CA LEU C 69 -19.85 -1.47 -6.28
C LEU C 69 -20.52 -2.79 -6.62
N GLU C 70 -21.16 -2.82 -7.79
CA GLU C 70 -21.89 -4.00 -8.25
C GLU C 70 -21.74 -4.14 -9.76
N PRO C 71 -20.93 -5.12 -10.21
CA PRO C 71 -20.72 -5.36 -11.63
C PRO C 71 -21.77 -6.29 -12.24
N ALA C 72 -21.71 -6.45 -13.57
CA ALA C 72 -22.43 -7.49 -14.30
C ALA C 72 -23.94 -7.42 -14.17
N LEU C 73 -24.49 -6.20 -14.24
CA LEU C 73 -25.92 -6.00 -14.22
C LEU C 73 -26.39 -5.62 -15.61
N PRO C 74 -27.39 -6.34 -16.14
CA PRO C 74 -27.99 -5.98 -17.42
C PRO C 74 -28.73 -4.66 -17.28
N TYR C 75 -28.28 -3.63 -17.99
CA TYR C 75 -28.94 -2.33 -17.97
C TYR C 75 -28.90 -1.68 -19.35
N GLU C 76 -30.07 -1.27 -19.81
CA GLU C 76 -30.24 -0.57 -21.08
C GLU C 76 -29.44 -1.16 -22.24
N GLY C 77 -29.59 -2.46 -22.46
CA GLY C 77 -28.99 -3.14 -23.59
C GLY C 77 -27.58 -3.67 -23.35
N LEU C 78 -26.98 -3.28 -22.24
CA LEU C 78 -25.61 -3.69 -21.93
C LEU C 78 -25.57 -4.74 -20.82
N ALA C 79 -24.87 -5.83 -21.10
CA ALA C 79 -24.73 -6.93 -20.14
C ALA C 79 -23.59 -6.68 -19.15
N HIS C 80 -22.57 -5.96 -19.62
CA HIS C 80 -21.37 -5.73 -18.81
C HIS C 80 -21.27 -4.30 -18.30
N THR C 81 -22.01 -4.05 -17.24
CA THR C 81 -22.08 -2.73 -16.62
C THR C 81 -21.56 -2.79 -15.19
N LEU C 82 -20.96 -1.70 -14.75
CA LEU C 82 -20.57 -1.56 -13.36
C LEU C 82 -21.40 -0.47 -12.72
N ALA C 83 -21.99 -0.80 -11.57
CA ALA C 83 -22.73 0.18 -10.80
C ALA C 83 -21.85 0.76 -9.69
N ILE C 84 -21.64 2.07 -9.73
CA ILE C 84 -21.03 2.78 -8.63
C ILE C 84 -22.17 3.36 -7.80
N ILE C 85 -22.34 2.81 -6.61
CA ILE C 85 -23.48 3.15 -5.77
C ILE C 85 -23.08 4.22 -4.76
N CYS C 86 -23.85 5.31 -4.75
CA CYS C 86 -23.66 6.43 -3.83
C CYS C 86 -24.91 6.60 -3.00
N LEU C 87 -24.77 7.22 -1.82
CA LEU C 87 -25.90 7.46 -0.92
C LEU C 87 -27.05 8.24 -1.54
N SER C 88 -26.75 9.01 -2.59
CA SER C 88 -27.76 9.86 -3.23
C SER C 88 -28.24 9.34 -4.58
N GLN C 89 -27.33 8.76 -5.38
CA GLN C 89 -27.68 8.22 -6.70
C GLN C 89 -26.69 7.14 -7.13
N ALA C 90 -26.87 6.58 -8.32
CA ALA C 90 -25.97 5.56 -8.84
C ALA C 90 -25.55 5.84 -10.28
N VAL C 91 -24.27 5.58 -10.59
CA VAL C 91 -23.75 5.76 -11.93
C VAL C 91 -23.43 4.40 -12.56
N LEU C 93 -21.49 2.26 -15.52
CA LEU C 93 -20.40 2.27 -16.49
C LEU C 93 -20.54 1.10 -17.44
N GLY C 94 -20.72 1.43 -18.73
CA GLY C 94 -20.90 0.40 -19.75
C GLY C 94 -19.61 -0.03 -20.41
N PHE C 95 -19.36 -1.34 -20.41
CA PHE C 95 -18.16 -1.91 -21.02
C PHE C 95 -18.51 -2.86 -22.14
N ASP C 96 -17.52 -3.23 -22.94
CA ASP C 96 -17.70 -4.18 -24.03
C ASP C 96 -17.50 -5.62 -23.55
N SER C 97 -16.32 -5.89 -22.99
CA SER C 97 -15.94 -7.23 -22.56
C SER C 97 -16.12 -7.45 -21.06
N HIS C 98 -16.25 -8.70 -20.66
CA HIS C 98 -16.40 -9.09 -19.26
C HIS C 98 -15.12 -8.79 -18.47
N GLU C 99 -13.97 -8.90 -19.15
CA GLU C 99 -12.66 -8.66 -18.55
C GLU C 99 -12.43 -7.18 -18.18
N ALA C 100 -12.89 -6.27 -19.04
CA ALA C 100 -12.76 -4.84 -18.79
C ALA C 100 -13.59 -4.41 -17.58
N CYS C 102 -14.57 -6.46 -15.06
CA CYS C 102 -13.93 -7.05 -13.90
C CYS C 102 -12.64 -6.31 -13.55
N ALA C 103 -11.95 -5.79 -14.57
CA ALA C 103 -10.72 -5.05 -14.39
C ALA C 103 -10.95 -3.75 -13.61
N TRP C 104 -12.08 -3.10 -13.86
CA TRP C 104 -12.42 -1.85 -13.19
C TRP C 104 -12.97 -2.07 -11.78
N ASP C 105 -13.83 -3.08 -11.62
CA ASP C 105 -14.36 -3.46 -10.30
C ASP C 105 -13.23 -3.84 -9.32
N THR C 106 -12.29 -4.66 -9.78
CA THR C 106 -11.18 -5.14 -8.97
C THR C 106 -10.30 -3.99 -8.46
N ARG C 107 -9.94 -3.09 -9.38
CA ARG C 107 -9.03 -1.99 -9.07
C ARG C 107 -9.71 -0.90 -8.23
N ILE C 108 -10.97 -0.60 -8.53
CA ILE C 108 -11.70 0.41 -7.76
C ILE C 108 -11.99 -0.07 -6.32
N ARG C 109 -12.39 -1.33 -6.15
CA ARG C 109 -12.66 -1.87 -4.79
C ARG C 109 -11.48 -1.66 -3.86
N TYR C 110 -10.29 -2.08 -4.31
CA TYR C 110 -9.06 -1.98 -3.54
C TYR C 110 -8.71 -0.52 -3.29
N ALA C 111 -8.84 0.30 -4.34
CA ALA C 111 -8.53 1.72 -4.25
C ALA C 111 -9.38 2.37 -3.17
N LEU C 112 -10.68 2.08 -3.20
CA LEU C 112 -11.62 2.70 -2.28
C LEU C 112 -11.53 2.15 -0.84
N GLY C 113 -10.63 1.18 -0.63
CA GLY C 113 -10.37 0.66 0.71
C GLY C 113 -10.93 -0.72 0.94
N GLU C 114 -11.86 -0.83 1.89
CA GLU C 114 -12.53 -2.09 2.18
C GLU C 114 -13.97 -2.06 1.65
N VAL C 115 -14.16 -2.50 0.41
CA VAL C 115 -15.50 -2.58 -0.17
C VAL C 115 -15.81 -4.01 -0.60
N HIS C 116 -16.76 -4.60 0.11
CA HIS C 116 -17.14 -6.00 -0.08
C HIS C 116 -18.63 -6.08 -0.36
N ARG C 117 -19.01 -7.09 -1.13
CA ARG C 117 -20.41 -7.25 -1.47
C ARG C 117 -20.86 -8.69 -1.21
N PHE C 118 -22.15 -8.85 -0.92
CA PHE C 118 -22.72 -10.14 -0.57
C PHE C 118 -24.17 -10.23 -1.05
N HIS C 119 -24.46 -11.16 -1.96
CA HIS C 119 -25.85 -11.42 -2.39
C HIS C 119 -26.62 -12.12 -1.27
N VAL C 120 -27.68 -11.49 -0.80
CA VAL C 120 -28.46 -12.04 0.31
C VAL C 120 -29.96 -12.09 0.00
N THR C 121 -30.72 -12.66 0.93
CA THR C 121 -32.17 -12.57 0.89
C THR C 121 -32.66 -11.95 2.19
N VAL C 122 -33.18 -10.73 2.09
CA VAL C 122 -33.65 -9.99 3.26
C VAL C 122 -34.94 -10.61 3.78
N ALA C 123 -34.91 -11.00 5.05
CA ALA C 123 -36.05 -11.58 5.72
C ALA C 123 -37.15 -10.55 6.01
N PRO C 124 -38.42 -10.95 5.80
CA PRO C 124 -39.55 -10.17 6.30
C PRO C 124 -39.51 -10.00 7.82
N GLY C 125 -40.17 -8.95 8.31
CA GLY C 125 -40.18 -8.67 9.75
C GLY C 125 -39.60 -7.32 10.13
N THR C 126 -39.36 -6.48 9.13
CA THR C 126 -38.73 -5.17 9.33
C THR C 126 -39.35 -4.11 8.43
N LYS C 127 -38.97 -2.85 8.66
CA LYS C 127 -39.31 -1.76 7.73
C LYS C 127 -38.73 -2.01 6.33
N LEU C 128 -37.81 -2.97 6.23
CA LEU C 128 -37.17 -3.30 4.95
C LEU C 128 -38.03 -4.13 4.02
N GLU C 129 -37.95 -3.82 2.73
CA GLU C 129 -38.55 -4.62 1.68
C GLU C 129 -37.81 -5.95 1.59
N SER C 130 -38.55 -7.03 1.77
CA SER C 130 -37.96 -8.37 1.80
C SER C 130 -37.68 -8.92 0.40
N GLY C 131 -36.75 -9.86 0.31
CA GLY C 131 -36.40 -10.50 -0.97
C GLY C 131 -34.92 -10.45 -1.30
N PRO C 132 -34.56 -10.77 -2.56
CA PRO C 132 -33.17 -10.73 -3.02
C PRO C 132 -32.60 -9.31 -2.97
N ALA C 133 -31.45 -9.17 -2.32
CA ALA C 133 -30.75 -7.90 -2.23
C ALA C 133 -29.25 -8.16 -2.07
N THR C 134 -28.45 -7.11 -2.25
CA THR C 134 -27.03 -7.21 -1.96
C THR C 134 -26.58 -6.25 -0.87
N LEU C 135 -25.89 -6.81 0.13
CA LEU C 135 -25.31 -6.05 1.21
C LEU C 135 -23.96 -5.51 0.80
N HIS C 136 -23.76 -4.22 0.97
CA HIS C 136 -22.48 -3.59 0.68
C HIS C 136 -21.82 -3.11 1.96
N LEU C 137 -20.58 -3.51 2.17
CA LEU C 137 -19.77 -2.94 3.22
C LEU C 137 -18.72 -2.04 2.58
N CYS C 138 -18.79 -0.76 2.91
CA CYS C 138 -17.90 0.26 2.36
C CYS C 138 -17.20 0.99 3.51
N ASN C 139 -16.12 0.39 3.98
CA ASN C 139 -15.31 0.94 5.07
C ASN C 139 -16.08 1.17 6.36
N ASP C 140 -16.61 2.37 6.52
CA ASP C 140 -17.29 2.79 7.74
C ASP C 140 -18.79 2.57 7.72
N ILE C 141 -19.33 2.27 6.54
CA ILE C 141 -20.77 2.19 6.38
C ILE C 141 -21.25 0.86 5.81
N LEU C 142 -22.49 0.53 6.14
CA LEU C 142 -23.14 -0.69 5.71
C LEU C 142 -24.40 -0.29 4.97
N VAL C 143 -24.62 -0.93 3.82
CA VAL C 143 -25.71 -0.54 2.92
C VAL C 143 -26.43 -1.76 2.32
N LEU C 144 -27.75 -1.64 2.17
CA LEU C 144 -28.52 -2.63 1.44
C LEU C 144 -29.17 -2.04 0.20
N ALA C 145 -28.94 -2.67 -0.95
CA ALA C 145 -29.42 -2.15 -2.22
C ALA C 145 -30.21 -3.18 -3.02
N ARG C 146 -31.05 -2.68 -3.93
CA ARG C 146 -31.90 -3.51 -4.78
C ARG C 146 -31.99 -2.89 -6.15
N ASP C 147 -32.44 -3.69 -7.11
CA ASP C 147 -32.85 -3.20 -8.43
C ASP C 147 -31.69 -2.75 -9.31
N ILE C 148 -32.03 -2.40 -10.55
CA ILE C 148 -31.05 -1.96 -11.53
C ILE C 148 -31.60 -0.69 -12.19
N PRO C 149 -30.93 0.46 -11.99
CA PRO C 149 -29.73 0.64 -11.19
C PRO C 149 -30.04 0.46 -9.70
N PRO C 150 -29.02 0.09 -8.89
CA PRO C 150 -29.28 -0.14 -7.47
C PRO C 150 -29.78 1.10 -6.76
N THR C 151 -30.70 0.91 -5.82
CA THR C 151 -31.14 2.00 -4.93
C THR C 151 -30.98 1.57 -3.48
N VAL C 152 -30.46 2.46 -2.65
CA VAL C 152 -30.26 2.16 -1.23
C VAL C 152 -31.61 2.06 -0.51
N GLY C 154 -31.61 0.99 2.70
CA GLY C 154 -31.21 1.10 4.11
C GLY C 154 -29.73 1.36 4.25
N GLN C 155 -29.34 2.07 5.30
CA GLN C 155 -27.94 2.46 5.54
C GLN C 155 -27.59 2.49 7.02
N TRP C 156 -26.35 2.13 7.35
CA TRP C 156 -25.87 2.09 8.73
C TRP C 156 -24.41 2.52 8.83
N LYS C 157 -24.06 3.17 9.94
CA LYS C 157 -22.66 3.28 10.34
C LYS C 157 -22.35 2.04 11.17
N LEU C 158 -21.17 1.46 10.99
CA LEU C 158 -20.82 0.25 11.72
C LEU C 158 -20.76 0.45 13.23
N SER C 159 -20.44 1.68 13.65
CA SER C 159 -20.35 2.01 15.06
C SER C 159 -21.72 2.23 15.71
N ASP C 160 -22.77 2.13 14.90
CA ASP C 160 -24.14 2.24 15.40
C ASP C 160 -24.81 0.85 15.57
N LEU C 161 -24.07 -0.20 15.23
CA LEU C 161 -24.53 -1.56 15.38
C LEU C 161 -24.23 -2.09 16.79
N ARG C 162 -25.24 -2.70 17.44
CA ARG C 162 -25.08 -3.31 18.76
C ARG C 162 -24.39 -4.67 18.67
N ARG C 163 -24.90 -5.50 17.76
CA ARG C 163 -24.67 -6.93 17.74
C ARG C 163 -24.76 -7.43 16.30
N TYR C 164 -24.02 -8.48 15.99
CA TYR C 164 -24.05 -9.12 14.68
C TYR C 164 -23.43 -10.51 14.80
N GLY C 165 -23.69 -11.36 13.82
CA GLY C 165 -23.04 -12.66 13.77
C GLY C 165 -23.55 -13.62 12.72
N ALA C 166 -22.70 -14.60 12.40
CA ALA C 166 -23.12 -15.71 11.55
C ALA C 166 -24.14 -16.55 12.29
N VAL C 167 -25.13 -17.03 11.53
CA VAL C 167 -26.22 -17.86 12.01
C VAL C 167 -26.35 -18.98 10.98
N PRO C 168 -26.80 -20.19 11.39
CA PRO C 168 -26.98 -21.25 10.40
C PRO C 168 -27.77 -20.77 9.18
N ASN C 169 -27.11 -20.75 8.02
CA ASN C 169 -27.71 -20.29 6.75
C ASN C 169 -28.06 -18.79 6.75
N GLY C 170 -27.59 -18.05 7.76
CA GLY C 170 -27.93 -16.64 7.90
C GLY C 170 -26.89 -15.73 8.53
N PHE C 171 -27.13 -14.43 8.40
CA PHE C 171 -26.35 -13.41 9.09
C PHE C 171 -27.29 -12.38 9.70
N ILE C 172 -27.03 -12.06 10.96
CA ILE C 172 -27.85 -11.11 11.68
C ILE C 172 -27.00 -9.90 12.08
N PHE C 173 -27.64 -8.73 12.10
CA PHE C 173 -27.10 -7.54 12.72
C PHE C 173 -28.25 -6.68 13.23
N GLU C 174 -28.05 -6.02 14.35
CA GLU C 174 -29.02 -5.03 14.80
C GLU C 174 -28.41 -3.65 14.92
N GLY C 175 -29.08 -2.68 14.28
CA GLY C 175 -28.74 -1.28 14.42
C GLY C 175 -29.38 -0.78 15.71
N GLY C 176 -28.57 -0.15 16.55
CA GLY C 176 -29.07 0.41 17.80
C GLY C 176 -30.06 1.53 17.59
N THR C 177 -30.61 2.03 18.69
CA THR C 177 -31.57 3.13 18.68
C THR C 177 -31.10 4.33 17.85
N ARG C 178 -29.79 4.58 17.87
CA ARG C 178 -29.16 5.65 17.08
C ARG C 178 -29.65 5.71 15.64
N CYS C 179 -30.03 4.55 15.10
CA CYS C 179 -30.28 4.41 13.66
C CYS C 179 -31.71 4.80 13.26
N GLY C 180 -32.51 5.21 14.25
CA GLY C 180 -33.88 5.68 14.03
C GLY C 180 -34.75 4.74 13.23
N TYR C 181 -34.98 5.10 11.97
CA TYR C 181 -35.80 4.31 11.05
C TYR C 181 -35.17 2.96 10.75
N TRP C 182 -33.89 2.84 11.08
CA TRP C 182 -33.10 1.67 10.75
C TRP C 182 -32.64 0.89 11.97
N ALA C 183 -33.18 1.24 13.13
CA ALA C 183 -32.97 0.45 14.33
C ALA C 183 -33.68 -0.89 14.16
N GLY C 184 -33.27 -1.88 14.94
CA GLY C 184 -33.92 -3.17 14.90
C GLY C 184 -32.98 -4.27 14.46
N VAL C 185 -33.51 -5.49 14.46
CA VAL C 185 -32.73 -6.70 14.24
C VAL C 185 -32.99 -7.21 12.83
N PHE C 186 -31.93 -7.35 12.06
CA PHE C 186 -32.05 -7.69 10.64
C PHE C 186 -31.44 -9.05 10.33
N PHE C 187 -32.15 -9.83 9.51
CA PHE C 187 -31.73 -11.17 9.15
C PHE C 187 -31.50 -11.30 7.65
N LEU C 188 -30.35 -11.83 7.29
CA LEU C 188 -30.00 -12.00 5.89
C LEU C 188 -29.68 -13.45 5.61
N SER C 189 -30.42 -14.06 4.68
CA SER C 189 -30.16 -15.44 4.28
C SER C 189 -29.02 -15.46 3.28
N SER C 190 -28.01 -16.26 3.59
CA SER C 190 -26.81 -16.38 2.79
C SER C 190 -26.04 -17.61 3.24
N ALA C 191 -25.27 -18.17 2.32
CA ALA C 191 -24.33 -19.23 2.65
C ALA C 191 -23.02 -18.65 3.19
N GLU C 192 -22.83 -17.35 2.98
CA GLU C 192 -21.56 -16.68 3.27
C GLU C 192 -21.56 -15.98 4.62
N GLY C 193 -22.37 -16.50 5.55
CA GLY C 193 -22.54 -15.92 6.88
C GLY C 193 -21.27 -15.82 7.69
N GLU C 194 -20.45 -16.87 7.64
CA GLU C 194 -19.19 -16.90 8.38
C GLU C 194 -18.23 -15.82 7.91
N GLN C 195 -18.14 -15.63 6.60
CA GLN C 195 -17.30 -14.59 6.01
C GLN C 195 -17.74 -13.19 6.46
N SER C 197 -19.46 -12.36 9.17
CA SER C 197 -19.21 -12.18 10.59
C SER C 197 -17.75 -11.85 10.83
N PHE C 198 -16.87 -12.56 10.14
CA PHE C 198 -15.43 -12.33 10.25
C PHE C 198 -15.02 -10.97 9.72
N LEU C 199 -15.62 -10.56 8.60
CA LEU C 199 -15.33 -9.27 8.01
C LEU C 199 -15.73 -8.12 8.96
N PHE C 200 -16.92 -8.25 9.54
CA PHE C 200 -17.40 -7.32 10.56
C PHE C 200 -16.46 -7.28 11.77
N ASP C 201 -16.09 -8.46 12.27
CA ASP C 201 -15.20 -8.60 13.43
C ASP C 201 -13.90 -7.83 13.24
N CYS C 202 -13.42 -7.84 12.01
CA CYS C 202 -12.18 -7.16 11.65
C CYS C 202 -12.38 -5.66 11.57
N ILE C 203 -13.31 -5.23 10.71
CA ILE C 203 -13.51 -3.80 10.43
C ILE C 203 -13.83 -2.96 11.67
N VAL C 204 -14.64 -3.50 12.58
CA VAL C 204 -14.95 -2.80 13.84
C VAL C 204 -13.74 -2.77 14.78
N ARG C 205 -12.81 -3.69 14.57
CA ARG C 205 -11.58 -3.73 15.36
C ARG C 205 -10.40 -3.09 14.64
N GLY C 206 -10.69 -2.28 13.63
CA GLY C 206 -9.68 -1.58 12.83
C GLY C 206 -8.73 -2.52 12.12
N ILE C 207 -9.27 -3.58 11.54
CA ILE C 207 -8.47 -4.61 10.89
C ILE C 207 -8.96 -4.83 9.47
N SER C 208 -8.02 -4.80 8.53
CA SER C 208 -8.28 -5.26 7.17
C SER C 208 -7.89 -6.74 7.09
N PRO C 209 -8.84 -7.60 6.70
CA PRO C 209 -8.58 -9.02 6.49
C PRO C 209 -7.39 -9.23 5.56
N THR C 210 -7.22 -8.29 4.63
CA THR C 210 -6.19 -8.36 3.61
C THR C 210 -4.92 -7.56 3.99
N LYS C 211 -5.09 -6.31 4.42
CA LYS C 211 -3.95 -5.40 4.62
C LYS C 211 -3.43 -5.30 6.06
N GLY C 212 -4.25 -5.70 7.04
CA GLY C 212 -3.89 -5.56 8.46
C GLY C 212 -4.50 -4.30 9.04
N PRO C 213 -3.74 -3.57 9.89
CA PRO C 213 -4.27 -2.32 10.45
C PRO C 213 -4.38 -1.24 9.37
N PHE C 214 -5.47 -0.49 9.39
CA PHE C 214 -5.71 0.57 8.42
C PHE C 214 -4.61 1.62 8.49
N GLU D 7 -7.96 -6.35 18.33
CA GLU D 7 -8.15 -4.89 17.99
C GLU D 7 -6.83 -4.15 17.78
N ALA D 8 -6.49 -3.88 16.53
CA ALA D 8 -5.15 -3.41 16.17
C ALA D 8 -4.95 -1.89 16.29
N ALA D 9 -3.68 -1.52 16.23
CA ALA D 9 -3.23 -0.15 16.27
C ALA D 9 -2.32 0.08 15.07
N LEU D 10 -2.25 1.32 14.59
CA LEU D 10 -1.18 1.65 13.66
C LEU D 10 0.09 1.93 14.47
N VAL D 11 -0.10 2.56 15.61
CA VAL D 11 0.97 2.72 16.60
C VAL D 11 0.37 2.62 18.00
N GLU D 12 1.18 2.10 18.93
CA GLU D 12 0.79 1.99 20.33
C GLU D 12 2.01 1.95 21.23
N GLY D 13 1.86 2.52 22.42
CA GLY D 13 2.94 2.56 23.40
C GLY D 13 2.64 3.46 24.57
N GLN D 14 3.63 3.60 25.45
CA GLN D 14 3.50 4.51 26.58
C GLN D 14 3.74 5.94 26.11
N VAL D 15 2.76 6.78 26.40
CA VAL D 15 2.69 8.14 25.90
C VAL D 15 2.03 8.98 26.99
N LYS D 16 2.49 10.22 27.15
CA LYS D 16 1.85 11.13 28.08
C LYS D 16 0.77 11.95 27.38
N LEU D 17 -0.37 12.09 28.06
CA LEU D 17 -1.49 12.88 27.55
C LEU D 17 -1.88 13.92 28.59
N ARG D 18 -2.70 14.89 28.18
CA ARG D 18 -3.02 16.01 29.05
C ARG D 18 -4.32 15.86 29.84
N ASP D 19 -4.37 16.51 31.01
CA ASP D 19 -5.51 16.50 31.92
C ASP D 19 -5.61 17.81 32.70
N LYS D 22 -2.14 18.93 34.31
CA LYS D 22 -1.19 17.83 34.53
C LYS D 22 -1.05 16.93 33.30
N TRP D 23 0.09 16.24 33.22
CA TRP D 23 0.31 15.17 32.24
C TRP D 23 -0.07 13.84 32.89
N LYS D 24 -0.53 12.89 32.06
CA LYS D 24 -0.81 11.53 32.54
C LYS D 24 -0.25 10.49 31.58
N SER D 25 0.60 9.60 32.11
CA SER D 25 1.28 8.57 31.32
C SER D 25 0.41 7.32 31.12
N ARG D 26 -0.06 7.14 29.89
CA ARG D 26 -0.98 6.03 29.57
C ARG D 26 -0.45 5.17 28.43
N TRP D 27 -1.02 3.99 28.27
CA TRP D 27 -0.76 3.19 27.07
C TRP D 27 -1.79 3.60 26.01
N LEU D 28 -1.30 4.28 24.97
CA LEU D 28 -2.17 4.80 23.92
C LEU D 28 -2.17 3.92 22.69
N VAL D 29 -3.36 3.55 22.24
CA VAL D 29 -3.53 2.84 20.98
C VAL D 29 -4.12 3.81 19.98
N LEU D 30 -3.34 4.12 18.95
CA LEU D 30 -3.83 4.93 17.85
C LEU D 30 -4.14 4.05 16.66
N ARG D 31 -5.28 4.33 16.03
CA ARG D 31 -5.67 3.66 14.78
C ARG D 31 -6.67 4.48 13.96
N LYS D 32 -6.72 4.22 12.67
CA LYS D 32 -7.74 4.78 11.79
C LYS D 32 -9.03 4.00 12.00
N PRO D 33 -10.17 4.71 12.13
CA PRO D 33 -11.48 4.05 12.20
C PRO D 33 -11.79 3.27 10.92
N SER D 34 -11.38 3.84 9.78
CA SER D 34 -11.40 3.16 8.50
C SER D 34 -10.21 3.63 7.69
N PRO D 35 -9.82 2.88 6.65
CA PRO D 35 -8.88 3.51 5.74
C PRO D 35 -9.71 4.48 4.90
N VAL D 36 -9.08 5.25 4.02
CA VAL D 36 -9.85 6.15 3.17
C VAL D 36 -10.71 7.13 4.03
N ALA D 37 -10.18 7.47 5.22
CA ALA D 37 -10.74 8.53 6.07
C ALA D 37 -9.63 9.29 6.80
N ASP D 38 -9.82 10.59 6.98
CA ASP D 38 -8.84 11.45 7.64
C ASP D 38 -9.08 11.54 9.15
N CYS D 39 -9.24 10.38 9.79
CA CYS D 39 -9.55 10.33 11.22
C CYS D 39 -8.60 9.43 11.97
N LEU D 40 -8.43 9.73 13.26
CA LEU D 40 -7.73 8.86 14.17
C LEU D 40 -8.56 8.59 15.40
N LEU D 41 -8.58 7.32 15.82
CA LEU D 41 -9.19 6.95 17.07
C LEU D 41 -8.11 6.78 18.12
N LEU D 43 -7.43 5.19 21.66
CA LEU D 43 -7.84 4.30 22.75
C LEU D 43 -6.84 4.40 23.89
N VAL D 44 -7.34 4.75 25.07
CA VAL D 44 -6.50 4.93 26.24
C VAL D 44 -6.64 3.76 27.22
N TYR D 45 -5.59 2.95 27.29
CA TYR D 45 -5.47 1.87 28.26
C TYR D 45 -4.53 2.29 29.38
N LYS D 46 -4.67 1.68 30.55
CA LYS D 46 -3.86 2.03 31.73
C LYS D 46 -2.41 1.63 31.57
N ASP D 47 -2.19 0.43 31.03
CA ASP D 47 -0.86 -0.14 30.84
C ASP D 47 -0.90 -1.20 29.75
N LYS D 48 0.28 -1.67 29.35
CA LYS D 48 0.42 -2.70 28.31
C LYS D 48 -0.35 -4.00 28.62
N CYS D 49 -0.68 -4.21 29.90
CA CYS D 49 -1.41 -5.40 30.33
C CYS D 49 -2.92 -5.27 30.15
N GLU D 50 -3.48 -4.15 30.63
CA GLU D 50 -4.89 -3.84 30.41
C GLU D 50 -5.21 -3.95 28.93
N ARG D 51 -4.19 -3.68 28.11
CA ARG D 51 -4.24 -3.84 26.66
C ARG D 51 -4.10 -5.31 26.27
N SER D 52 -3.04 -5.96 26.77
CA SER D 52 -2.75 -7.36 26.45
C SER D 52 -3.91 -8.30 26.77
N LYS D 53 -4.61 -8.03 27.87
CA LYS D 53 -5.73 -8.84 28.32
C LYS D 53 -7.02 -8.50 27.56
N GLY D 54 -6.94 -7.52 26.67
CA GLY D 54 -8.06 -7.12 25.82
C GLY D 54 -9.25 -6.53 26.55
N LEU D 55 -8.98 -5.85 27.67
CA LEU D 55 -10.01 -5.19 28.47
C LEU D 55 -10.53 -3.92 27.79
N ARG D 56 -11.66 -3.41 28.27
CA ARG D 56 -12.22 -2.17 27.77
C ARG D 56 -11.24 -1.03 28.01
N GLU D 57 -11.14 -0.12 27.04
CA GLU D 57 -10.30 1.07 27.17
C GLU D 57 -10.88 1.99 28.24
N ARG D 58 -10.00 2.68 28.97
CA ARG D 58 -10.42 3.60 30.02
C ARG D 58 -11.04 4.89 29.48
N SER D 59 -10.62 5.31 28.27
CA SER D 59 -11.21 6.45 27.57
C SER D 59 -10.94 6.40 26.06
N SER D 60 -11.70 7.17 25.28
CA SER D 60 -11.50 7.25 23.83
C SER D 60 -11.85 8.61 23.24
N LEU D 61 -11.16 8.98 22.16
CA LEU D 61 -11.47 10.20 21.41
C LEU D 61 -11.27 10.02 19.91
N THR D 62 -12.18 10.59 19.12
CA THR D 62 -12.09 10.56 17.65
C THR D 62 -11.67 11.93 17.13
N LEU D 63 -10.66 11.95 16.27
CA LEU D 63 -10.18 13.17 15.64
C LEU D 63 -10.61 13.16 14.17
N GLU D 64 -11.58 14.01 13.85
CA GLU D 64 -12.37 13.88 12.63
C GLU D 64 -12.01 14.79 11.45
N ASP D 65 -11.13 15.77 11.69
CA ASP D 65 -10.75 16.71 10.64
C ASP D 65 -9.27 17.09 10.70
N ILE D 66 -8.41 16.11 10.47
CA ILE D 66 -6.95 16.27 10.65
C ILE D 66 -6.33 17.18 9.59
N CYS D 67 -5.53 18.14 10.07
CA CYS D 67 -4.89 19.17 9.26
C CYS D 67 -3.42 18.87 8.97
N GLY D 68 -2.75 18.24 9.93
CA GLY D 68 -1.33 17.99 9.81
C GLY D 68 -0.72 17.52 11.11
N LEU D 69 0.55 17.17 11.06
CA LEU D 69 1.32 16.78 12.23
C LEU D 69 2.48 17.76 12.42
N GLU D 70 2.66 18.22 13.65
CA GLU D 70 3.75 19.12 13.98
C GLU D 70 4.57 18.57 15.16
N PRO D 71 5.77 18.03 14.87
CA PRO D 71 6.67 17.41 15.83
C PRO D 71 7.66 18.40 16.45
N ALA D 72 8.58 17.87 17.26
CA ALA D 72 9.67 18.64 17.88
C ALA D 72 9.23 19.96 18.54
N LEU D 73 8.03 19.96 19.12
CA LEU D 73 7.52 21.13 19.81
C LEU D 73 7.67 20.94 21.31
N PRO D 74 8.33 21.90 21.97
CA PRO D 74 8.41 21.82 23.43
C PRO D 74 7.11 22.32 24.06
N TYR D 75 6.53 21.53 24.96
CA TYR D 75 5.25 21.88 25.57
C TYR D 75 5.08 21.33 27.00
N GLU D 76 4.66 22.21 27.90
CA GLU D 76 4.47 21.91 29.34
C GLU D 76 5.52 20.99 29.97
N GLY D 77 6.79 21.40 29.88
CA GLY D 77 7.88 20.68 30.52
C GLY D 77 8.51 19.59 29.69
N LEU D 78 7.81 19.19 28.63
CA LEU D 78 8.28 18.10 27.80
C LEU D 78 8.93 18.63 26.52
N ALA D 79 10.08 18.05 26.18
CA ALA D 79 10.88 18.50 25.07
C ALA D 79 10.38 17.91 23.76
N HIS D 80 9.87 16.69 23.83
CA HIS D 80 9.47 15.93 22.64
C HIS D 80 7.97 15.66 22.63
N THR D 81 7.21 16.58 22.05
CA THR D 81 5.78 16.38 21.89
C THR D 81 5.35 16.48 20.43
N LEU D 82 4.43 15.60 20.04
CA LEU D 82 3.87 15.60 18.70
C LEU D 82 2.47 16.17 18.75
N ALA D 83 2.20 17.14 17.90
CA ALA D 83 0.88 17.71 17.78
C ALA D 83 0.12 17.09 16.61
N ILE D 84 -1.07 16.59 16.90
CA ILE D 84 -2.04 16.23 15.87
C ILE D 84 -3.00 17.40 15.73
N ILE D 85 -2.96 18.06 14.58
CA ILE D 85 -3.70 19.30 14.37
C ILE D 85 -4.98 19.00 13.62
N CYS D 86 -6.10 19.48 14.16
CA CYS D 86 -7.40 19.32 13.52
C CYS D 86 -7.99 20.68 13.31
N LEU D 87 -8.97 20.76 12.41
CA LEU D 87 -9.66 22.02 12.14
C LEU D 87 -10.32 22.64 13.37
N SER D 88 -10.73 21.81 14.33
CA SER D 88 -11.47 22.27 15.50
C SER D 88 -10.70 22.18 16.83
N GLN D 89 -9.65 21.36 16.86
CA GLN D 89 -8.78 21.26 18.04
C GLN D 89 -7.36 20.80 17.68
N ALA D 90 -6.47 20.78 18.67
CA ALA D 90 -5.14 20.22 18.49
C ALA D 90 -4.76 19.35 19.68
N VAL D 91 -4.30 18.13 19.39
CA VAL D 91 -3.99 17.16 20.44
C VAL D 91 -2.47 17.04 20.61
N LEU D 93 0.70 14.86 22.18
CA LEU D 93 1.18 13.57 22.67
C LEU D 93 2.60 13.71 23.20
N GLY D 94 2.84 13.16 24.39
CA GLY D 94 4.12 13.33 25.08
C GLY D 94 4.98 12.08 25.07
N PHE D 95 6.23 12.25 24.68
CA PHE D 95 7.19 11.15 24.61
C PHE D 95 8.38 11.38 25.55
N ASP D 96 9.20 10.36 25.74
CA ASP D 96 10.39 10.45 26.56
C ASP D 96 11.61 10.68 25.68
N SER D 97 11.65 9.97 24.56
CA SER D 97 12.74 10.08 23.60
C SER D 97 12.33 10.81 22.34
N HIS D 98 13.33 11.39 21.68
CA HIS D 98 13.19 12.03 20.38
C HIS D 98 12.83 10.98 19.32
N GLU D 99 13.33 9.76 19.47
CA GLU D 99 13.16 8.73 18.44
C GLU D 99 11.74 8.16 18.39
N ALA D 100 11.12 7.96 19.56
CA ALA D 100 9.74 7.47 19.64
C ALA D 100 8.80 8.49 19.02
N CYS D 102 9.55 10.82 16.72
CA CYS D 102 9.75 10.78 15.27
C CYS D 102 9.17 9.52 14.64
N ALA D 103 9.20 8.42 15.40
CA ALA D 103 8.63 7.16 14.95
C ALA D 103 7.14 7.30 14.70
N TRP D 104 6.45 7.92 15.66
CA TRP D 104 5.02 8.13 15.58
C TRP D 104 4.68 9.17 14.50
N ASP D 105 5.46 10.24 14.44
CA ASP D 105 5.32 11.23 13.37
C ASP D 105 5.44 10.58 11.99
N THR D 106 6.46 9.74 11.81
CA THR D 106 6.69 9.11 10.51
C THR D 106 5.57 8.13 10.14
N ARG D 107 5.23 7.25 11.07
CA ARG D 107 4.17 6.26 10.88
C ARG D 107 2.79 6.86 10.65
N ILE D 108 2.47 7.92 11.38
CA ILE D 108 1.18 8.58 11.24
C ILE D 108 1.05 9.37 9.93
N ARG D 109 2.11 10.10 9.54
CA ARG D 109 2.08 10.88 8.29
C ARG D 109 1.78 10.00 7.10
N TYR D 110 2.51 8.89 7.01
CA TYR D 110 2.37 7.92 5.93
C TYR D 110 0.97 7.28 5.91
N ALA D 111 0.42 7.03 7.10
CA ALA D 111 -0.88 6.38 7.21
C ALA D 111 -2.03 7.30 6.79
N LEU D 112 -1.91 8.59 7.10
CA LEU D 112 -2.98 9.55 6.79
C LEU D 112 -3.01 10.00 5.32
N GLY D 113 -2.04 9.51 4.54
CA GLY D 113 -2.00 9.78 3.11
C GLY D 113 -0.84 10.67 2.71
N GLU D 114 -1.17 11.86 2.25
CA GLU D 114 -0.18 12.84 1.86
C GLU D 114 -0.26 14.08 2.75
N VAL D 115 0.46 14.02 3.87
CA VAL D 115 0.48 15.12 4.83
C VAL D 115 1.90 15.67 5.01
N HIS D 116 2.06 16.92 4.59
CA HIS D 116 3.37 17.57 4.54
C HIS D 116 3.41 18.88 5.33
N ARG D 117 4.59 19.20 5.84
CA ARG D 117 4.82 20.45 6.57
C ARG D 117 6.00 21.23 6.02
N PHE D 118 5.80 22.53 5.87
CA PHE D 118 6.86 23.44 5.47
C PHE D 118 6.84 24.62 6.42
N HIS D 119 7.97 24.87 7.07
CA HIS D 119 8.12 26.06 7.93
C HIS D 119 8.43 27.29 7.09
N VAL D 120 7.54 28.28 7.18
CA VAL D 120 7.61 29.45 6.32
C VAL D 120 7.46 30.72 7.15
N THR D 121 7.66 31.86 6.49
CA THR D 121 7.36 33.15 7.08
C THR D 121 6.30 33.83 6.22
N VAL D 122 5.13 34.05 6.83
CA VAL D 122 4.00 34.65 6.15
C VAL D 122 4.23 36.14 5.88
N ALA D 123 4.33 36.49 4.60
CA ALA D 123 4.50 37.88 4.17
C ALA D 123 3.33 38.75 4.60
N PRO D 124 3.62 40.00 5.02
CA PRO D 124 2.55 40.95 5.33
C PRO D 124 1.81 41.33 4.05
N GLY D 125 0.52 41.62 4.19
CA GLY D 125 -0.28 42.02 3.02
C GLY D 125 -1.65 41.38 2.86
N THR D 126 -2.05 40.57 3.84
CA THR D 126 -3.34 39.87 3.80
C THR D 126 -4.02 39.89 5.16
N LYS D 127 -5.18 39.26 5.22
CA LYS D 127 -5.94 39.07 6.46
C LYS D 127 -5.16 38.20 7.46
N LEU D 128 -4.20 37.42 6.95
CA LEU D 128 -3.35 36.58 7.77
C LEU D 128 -2.26 37.40 8.43
N GLU D 129 -2.04 37.17 9.72
CA GLU D 129 -0.99 37.86 10.44
C GLU D 129 0.35 37.43 9.85
N SER D 130 1.25 38.39 9.70
CA SER D 130 2.54 38.12 9.09
C SER D 130 3.47 37.47 10.10
N GLY D 131 4.49 36.76 9.60
CA GLY D 131 5.50 36.16 10.45
C GLY D 131 5.56 34.64 10.41
N PRO D 132 6.38 34.05 11.29
CA PRO D 132 6.62 32.60 11.26
C PRO D 132 5.33 31.79 11.39
N ALA D 133 5.20 30.78 10.55
CA ALA D 133 4.08 29.86 10.57
C ALA D 133 4.51 28.59 9.86
N THR D 134 3.67 27.56 9.95
CA THR D 134 3.91 26.34 9.20
C THR D 134 2.72 25.99 8.30
N LEU D 135 3.01 25.81 7.01
CA LEU D 135 2.01 25.37 6.03
C LEU D 135 1.87 23.85 6.10
N HIS D 136 0.66 23.38 6.39
CA HIS D 136 0.35 21.95 6.43
C HIS D 136 -0.53 21.57 5.25
N LEU D 137 -0.09 20.59 4.49
CA LEU D 137 -0.90 20.02 3.40
C LEU D 137 -1.36 18.63 3.79
N CYS D 138 -2.66 18.48 4.03
CA CYS D 138 -3.22 17.19 4.38
C CYS D 138 -4.19 16.77 3.29
N ASN D 139 -3.68 16.02 2.32
CA ASN D 139 -4.47 15.52 1.19
C ASN D 139 -5.30 16.59 0.50
N ASP D 140 -6.54 16.72 0.94
CA ASP D 140 -7.52 17.66 0.43
C ASP D 140 -7.20 19.12 0.73
N ILE D 141 -6.72 19.36 1.95
CA ILE D 141 -6.70 20.70 2.52
C ILE D 141 -5.32 21.29 2.78
N LEU D 142 -5.27 22.61 2.63
CA LEU D 142 -4.13 23.41 2.99
C LEU D 142 -4.48 24.19 4.26
N VAL D 143 -3.56 24.17 5.21
CA VAL D 143 -3.73 24.89 6.47
C VAL D 143 -2.42 25.58 6.87
N LEU D 144 -2.54 26.80 7.39
CA LEU D 144 -1.44 27.46 8.08
C LEU D 144 -1.69 27.41 9.57
N ALA D 145 -0.62 27.15 10.34
CA ALA D 145 -0.75 27.04 11.78
C ALA D 145 0.41 27.71 12.54
N ARG D 146 0.09 28.27 13.70
CA ARG D 146 1.05 28.99 14.55
C ARG D 146 1.01 28.47 15.97
N ASP D 147 2.07 28.77 16.74
CA ASP D 147 2.08 28.68 18.20
C ASP D 147 2.19 27.27 18.75
N ILE D 148 2.32 27.19 20.07
CA ILE D 148 2.32 25.93 20.80
C ILE D 148 1.32 26.10 21.94
N PRO D 149 0.23 25.31 21.94
CA PRO D 149 -0.19 24.35 20.92
C PRO D 149 -0.51 25.00 19.59
N PRO D 150 -0.40 24.24 18.48
CA PRO D 150 -0.75 24.76 17.16
C PRO D 150 -2.22 25.18 17.09
N THR D 151 -2.47 26.31 16.44
CA THR D 151 -3.83 26.78 16.15
C THR D 151 -3.95 27.15 14.68
N VAL D 152 -5.04 26.73 14.06
CA VAL D 152 -5.28 27.01 12.63
C VAL D 152 -5.54 28.49 12.46
N GLY D 154 -5.60 29.82 9.12
CA GLY D 154 -6.19 29.90 7.78
C GLY D 154 -6.28 28.54 7.11
N GLN D 155 -7.33 28.33 6.31
CA GLN D 155 -7.63 27.02 5.74
C GLN D 155 -8.21 27.07 4.33
N TRP D 156 -7.76 26.15 3.47
CA TRP D 156 -8.19 26.08 2.08
C TRP D 156 -8.37 24.64 1.58
N LYS D 157 -9.41 24.41 0.81
CA LYS D 157 -9.50 23.20 -0.02
C LYS D 157 -8.63 23.46 -1.23
N LEU D 158 -7.77 22.50 -1.58
CA LEU D 158 -6.88 22.68 -2.72
C LEU D 158 -7.59 22.77 -4.07
N SER D 159 -8.84 22.28 -4.12
CA SER D 159 -9.70 22.46 -5.29
C SER D 159 -10.14 23.92 -5.46
N ASP D 160 -10.14 24.68 -4.36
CA ASP D 160 -10.55 26.09 -4.35
C ASP D 160 -9.47 27.08 -4.79
N LEU D 161 -8.28 26.58 -5.13
CA LEU D 161 -7.15 27.44 -5.50
C LEU D 161 -7.09 27.71 -7.00
N ARG D 162 -6.86 28.97 -7.38
CA ARG D 162 -6.73 29.32 -8.80
C ARG D 162 -5.31 29.08 -9.29
N ARG D 163 -4.37 29.55 -8.49
CA ARG D 163 -2.99 29.68 -8.91
C ARG D 163 -2.07 29.37 -7.75
N TYR D 164 -0.89 28.85 -8.07
CA TYR D 164 0.16 28.60 -7.10
C TYR D 164 1.47 28.45 -7.87
N GLY D 165 2.59 28.64 -7.18
CA GLY D 165 3.88 28.37 -7.79
C GLY D 165 5.10 28.90 -7.07
N ALA D 166 6.26 28.34 -7.42
CA ALA D 166 7.55 28.81 -6.91
C ALA D 166 7.83 30.22 -7.39
N VAL D 167 8.61 30.94 -6.60
CA VAL D 167 8.77 32.38 -6.70
C VAL D 167 10.11 32.73 -6.03
N PRO D 168 10.79 33.82 -6.46
CA PRO D 168 12.09 34.16 -5.84
C PRO D 168 12.04 34.22 -4.31
N ASN D 169 12.81 33.32 -3.69
CA ASN D 169 12.79 33.07 -2.25
C ASN D 169 11.39 33.03 -1.61
N GLY D 170 10.46 32.34 -2.25
CA GLY D 170 9.12 32.17 -1.70
C GLY D 170 8.16 31.26 -2.46
N PHE D 171 6.90 31.27 -2.03
CA PHE D 171 5.85 30.47 -2.65
C PHE D 171 4.55 31.27 -2.66
N ILE D 172 3.88 31.28 -3.82
CA ILE D 172 2.61 31.98 -3.97
C ILE D 172 1.46 30.99 -4.22
N PHE D 173 0.34 31.21 -3.54
CA PHE D 173 -0.93 30.59 -3.91
C PHE D 173 -2.10 31.56 -3.72
N GLU D 174 -3.12 31.43 -4.58
CA GLU D 174 -4.32 32.26 -4.42
C GLU D 174 -5.60 31.43 -4.44
N GLY D 175 -6.43 31.67 -3.43
CA GLY D 175 -7.77 31.10 -3.38
C GLY D 175 -8.77 32.08 -3.94
N GLY D 176 -9.80 31.55 -4.63
CA GLY D 176 -10.78 32.36 -5.34
C GLY D 176 -12.02 32.64 -4.52
N THR D 177 -13.10 33.03 -5.23
CA THR D 177 -14.40 33.36 -4.65
C THR D 177 -14.83 32.39 -3.55
N ARG D 178 -14.85 31.11 -3.88
CA ARG D 178 -15.39 30.05 -3.01
C ARG D 178 -14.87 30.14 -1.58
N CYS D 179 -13.62 30.59 -1.44
CA CYS D 179 -13.04 30.83 -0.13
C CYS D 179 -13.70 32.08 0.46
N GLY D 180 -14.12 32.00 1.72
CA GLY D 180 -14.81 33.12 2.35
C GLY D 180 -13.89 34.28 2.63
N TYR D 181 -13.47 34.41 3.89
CA TYR D 181 -12.51 35.44 4.29
C TYR D 181 -11.12 35.08 3.77
N TRP D 182 -10.97 33.85 3.31
CA TRP D 182 -9.67 33.31 2.93
C TRP D 182 -9.39 33.43 1.43
N ALA D 183 -10.10 34.33 0.77
CA ALA D 183 -9.84 34.62 -0.64
C ALA D 183 -8.59 35.48 -0.77
N GLY D 184 -8.04 35.55 -1.98
CA GLY D 184 -6.90 36.43 -2.25
C GLY D 184 -5.59 35.74 -2.50
N VAL D 185 -4.54 36.54 -2.70
CA VAL D 185 -3.20 36.06 -3.01
C VAL D 185 -2.34 36.06 -1.74
N PHE D 186 -1.66 34.94 -1.49
CA PHE D 186 -0.88 34.77 -0.28
C PHE D 186 0.57 34.44 -0.61
N PHE D 187 1.48 35.19 0.00
CA PHE D 187 2.90 35.01 -0.22
C PHE D 187 3.52 34.39 1.03
N LEU D 188 4.24 33.29 0.83
CA LEU D 188 4.99 32.64 1.91
C LEU D 188 6.49 32.66 1.55
N SER D 189 7.32 33.17 2.47
CA SER D 189 8.77 33.19 2.26
C SER D 189 9.41 31.88 2.71
N SER D 190 10.25 31.31 1.85
CA SER D 190 10.90 30.02 2.11
C SER D 190 11.96 29.70 1.08
N ALA D 191 12.93 28.86 1.46
CA ALA D 191 13.91 28.33 0.51
C ALA D 191 13.42 27.07 -0.25
N GLU D 192 12.16 26.69 -0.03
CA GLU D 192 11.63 25.42 -0.55
C GLU D 192 10.49 25.60 -1.54
N GLY D 193 10.35 26.82 -2.07
CA GLY D 193 9.29 27.16 -3.02
C GLY D 193 9.10 26.16 -4.13
N GLU D 194 10.22 25.70 -4.69
CA GLU D 194 10.23 24.73 -5.79
C GLU D 194 9.75 23.35 -5.34
N GLN D 195 10.09 22.99 -4.10
CA GLN D 195 9.71 21.70 -3.54
C GLN D 195 8.21 21.68 -3.25
N SER D 197 5.93 23.69 -4.81
CA SER D 197 5.25 23.80 -6.11
C SER D 197 5.09 22.43 -6.79
N PHE D 198 6.15 21.63 -6.76
CA PHE D 198 6.16 20.27 -7.27
C PHE D 198 5.16 19.38 -6.54
N LEU D 199 4.99 19.61 -5.24
CA LEU D 199 4.05 18.82 -4.45
C LEU D 199 2.61 19.16 -4.83
N PHE D 200 2.33 20.45 -4.96
CA PHE D 200 1.03 20.93 -5.40
C PHE D 200 0.71 20.37 -6.78
N ASP D 201 1.67 20.50 -7.71
CA ASP D 201 1.53 19.97 -9.07
C ASP D 201 1.07 18.53 -9.06
N CYS D 202 1.72 17.72 -8.22
CA CYS D 202 1.40 16.31 -8.05
C CYS D 202 0.03 16.07 -7.40
N ILE D 203 -0.27 16.80 -6.32
CA ILE D 203 -1.53 16.56 -5.60
C ILE D 203 -2.77 16.92 -6.42
N VAL D 204 -2.69 18.04 -7.14
CA VAL D 204 -3.84 18.51 -7.93
C VAL D 204 -4.09 17.61 -9.14
N ARG D 205 -3.08 16.83 -9.51
CA ARG D 205 -3.19 15.91 -10.63
C ARG D 205 -3.52 14.47 -10.23
N GLY D 206 -3.64 14.25 -8.93
CA GLY D 206 -3.92 12.91 -8.40
C GLY D 206 -2.67 12.08 -8.18
N ILE D 207 -1.52 12.75 -8.18
CA ILE D 207 -0.23 12.07 -8.04
C ILE D 207 0.35 12.24 -6.64
N SER D 208 0.63 11.11 -6.00
CA SER D 208 1.47 11.10 -4.80
C SER D 208 2.88 11.00 -5.30
N PRO D 209 3.77 11.90 -4.84
CA PRO D 209 5.15 11.91 -5.32
C PRO D 209 5.83 10.59 -5.00
N THR D 210 5.40 9.99 -3.89
CA THR D 210 6.02 8.80 -3.39
C THR D 210 5.30 7.51 -3.83
N LYS D 211 3.96 7.51 -3.76
CA LYS D 211 3.16 6.30 -4.04
C LYS D 211 2.71 6.16 -5.50
N GLY D 212 2.72 7.26 -6.24
CA GLY D 212 2.17 7.29 -7.61
C GLY D 212 0.72 7.76 -7.56
N PRO D 213 -0.09 7.38 -8.57
CA PRO D 213 -1.51 7.71 -8.54
C PRO D 213 -2.21 7.05 -7.35
N PHE D 214 -3.16 7.76 -6.75
CA PHE D 214 -3.86 7.24 -5.58
C PHE D 214 -4.70 6.03 -5.97
N LEU E 4 -4.91 -16.32 -28.79
CA LEU E 4 -3.90 -16.43 -27.69
C LEU E 4 -3.05 -15.18 -27.54
N HIS E 5 -2.54 -14.97 -26.32
CA HIS E 5 -1.82 -13.75 -25.98
C HIS E 5 -0.31 -14.01 -25.94
N PRO E 6 0.46 -13.35 -26.83
CA PRO E 6 1.92 -13.42 -26.75
C PRO E 6 2.45 -12.74 -25.49
N ASN E 7 3.65 -13.13 -25.04
CA ASN E 7 4.23 -12.61 -23.81
C ASN E 7 5.35 -11.60 -24.09
N PRO E 8 5.15 -10.33 -23.68
CA PRO E 8 6.18 -9.30 -23.82
C PRO E 8 7.45 -9.59 -22.99
N MET E 9 7.30 -10.32 -21.89
CA MET E 9 8.45 -10.69 -21.05
C MET E 9 9.37 -11.72 -21.69
N GLN E 11 10.90 -12.44 -24.87
CA GLN E 11 12.14 -12.11 -25.59
C GLN E 11 13.17 -11.33 -24.76
N ARG E 12 12.91 -11.15 -23.47
CA ARG E 12 13.85 -10.49 -22.56
C ARG E 12 14.58 -11.50 -21.67
N LEU F 4 25.62 0.31 22.57
CA LEU F 4 25.25 -0.23 21.23
C LEU F 4 24.21 -1.36 21.32
N HIS F 5 23.28 -1.36 20.37
CA HIS F 5 22.16 -2.30 20.32
C HIS F 5 22.59 -3.66 19.79
N PRO F 6 22.23 -4.75 20.48
CA PRO F 6 22.40 -6.07 19.86
C PRO F 6 21.32 -6.27 18.79
N ASN F 7 21.60 -7.15 17.82
CA ASN F 7 20.72 -7.40 16.69
C ASN F 7 19.96 -8.72 16.82
N PRO F 8 18.63 -8.66 16.99
CA PRO F 8 17.74 -9.82 17.12
C PRO F 8 17.88 -10.86 16.01
N MET F 9 18.23 -10.42 14.80
CA MET F 9 18.44 -11.30 13.65
C MET F 9 19.69 -12.18 13.81
N GLN F 11 21.23 -13.63 16.44
CA GLN F 11 21.23 -14.77 17.35
C GLN F 11 20.84 -16.09 16.67
N ARG F 12 20.10 -15.98 15.57
CA ARG F 12 19.70 -17.12 14.77
C ARG F 12 20.83 -17.52 13.82
N LEU G 4 -24.35 -14.25 19.39
CA LEU G 4 -23.90 -13.11 18.54
C LEU G 4 -22.80 -12.31 19.23
N HIS G 5 -21.92 -11.72 18.42
CA HIS G 5 -20.81 -10.90 18.92
C HIS G 5 -21.24 -9.46 19.13
N PRO G 6 -21.04 -8.93 20.36
CA PRO G 6 -21.20 -7.50 20.60
C PRO G 6 -20.17 -6.69 19.82
N ASN G 7 -20.55 -5.50 19.39
CA ASN G 7 -19.65 -4.56 18.72
C ASN G 7 -18.86 -3.70 19.72
N PRO G 8 -17.51 -3.78 19.65
CA PRO G 8 -16.64 -2.90 20.43
C PRO G 8 -16.87 -1.41 20.16
N MET G 9 -17.34 -1.07 18.97
CA MET G 9 -17.53 0.33 18.59
C MET G 9 -18.72 1.02 19.25
N GLN G 11 -20.11 0.99 22.36
CA GLN G 11 -19.95 1.58 23.70
C GLN G 11 -19.39 3.01 23.67
N ARG G 12 -18.41 3.24 22.80
CA ARG G 12 -17.82 4.56 22.59
C ARG G 12 -18.87 5.55 22.07
N LEU H 4 3.05 31.72 -12.86
CA LEU H 4 2.35 30.80 -11.90
C LEU H 4 1.54 29.73 -12.63
N HIS H 5 1.19 28.66 -11.91
CA HIS H 5 0.47 27.53 -12.51
C HIS H 5 -1.02 27.58 -12.24
N PRO H 6 -1.83 27.56 -13.32
CA PRO H 6 -3.27 27.35 -13.19
C PRO H 6 -3.59 25.97 -12.59
N ASN H 7 -4.56 25.94 -11.68
CA ASN H 7 -5.00 24.71 -11.04
C ASN H 7 -6.12 24.04 -11.83
N PRO H 8 -5.88 22.82 -12.35
CA PRO H 8 -6.88 22.04 -13.10
C PRO H 8 -8.13 21.70 -12.29
N MET H 9 -7.99 21.62 -10.97
CA MET H 9 -9.10 21.31 -10.06
C MET H 9 -10.15 22.42 -10.04
N GLN H 11 -11.59 24.81 -12.14
CA GLN H 11 -12.68 25.08 -13.09
C GLN H 11 -13.82 24.04 -13.01
N ARG H 12 -13.75 23.15 -12.01
CA ARG H 12 -14.78 22.15 -11.76
C ARG H 12 -15.66 22.60 -10.60
#